data_4MS1
#
_entry.id   4MS1
#
_cell.length_a   70.870
_cell.length_b   112.870
_cell.length_c   73.140
_cell.angle_alpha   90.00
_cell.angle_beta   97.85
_cell.angle_gamma   90.00
#
_symmetry.space_group_name_H-M   'P 1 21 1'
#
loop_
_entity.id
_entity.type
_entity.pdbx_description
1 polymer 'Gamma-aminobutyric acid type B receptor subunit 1'
2 polymer 'Gamma-aminobutyric acid type B receptor subunit 2'
3 branched beta-D-mannopyranose-(1-3)-alpha-D-mannopyranose-(1-4)-2-acetamido-2-deoxy-beta-D-glucopyranose-(1-4)-2-acetamido-2-deoxy-beta-D-glucopyranose
4 branched 2-acetamido-2-deoxy-beta-D-glucopyranose-(1-4)-[alpha-L-fucopyranose-(1-6)]2-acetamido-2-deoxy-beta-D-glucopyranose
5 non-polymer '(S)-(3-aminopropyl)(cyclohexylmethyl)phosphinic acid'
6 non-polymer 2-acetamido-2-deoxy-beta-D-glucopyranose
7 water water
#
loop_
_entity_poly.entity_id
_entity_poly.type
_entity_poly.pdbx_seq_one_letter_code
_entity_poly.pdbx_strand_id
1 'polypeptide(L)'
;SERRAVYIGALFPMSGGWPGGQACQPAVEMALEDVNSRRDILPDYELKLIHHDSKCDPGQATKYLYELLYNDPIKIILMP
GCSSVSTLVAEAARMWNLIVLSYGSSSPALSNRQRFPTFFRTHPSATLHNPTRVKLFEKWGWKKIATIQQTTEVFTSTLD
DLEERVKEAGIEITFRQSFFSDPAVPVKNLKRQDARIIVGLFYETEARKVFCEVYKERLFGKKYVWFLIGWYADNWFKIY
DPSINCTVDEMTEAVEGHITTEIVMLNPANTRSISNMTSQEFVEKLTKRLKRHPEETGGFQEAPLAYDAIWALALALNKT
SGGGGRSGVRLEDFNYNNQTITDQIYRAMNSSSFEGVSGHVVFDASGSRMAWTLIEQLQGGSYKKIGYYDSTKDDLSWSK
TDKWIGGSPPADDYKDDDDK
;
A
2 'polypeptide(L)'
;WARGAPRPPPSSPPLSIMGLMPLTKEVAKGSIGRGVLPAVELAIEQIRNESLLRPYFLDLRLYDTECDNAKGLKAFYDAI
KYGPNHLMVFGGVCPSVTSIIAESLQGWNLVQLSFAATTPVLADKKKYPYFFRTVPSDNAVNPAILKLLKHYQWKRVGTL
TQDVQRFSEVRNDLTGVLYGEDIEISDTESFSNDPCTSVKKLKGNDVRIILGQFDQNMAAKVFCCAYEENMYGSKYQWII
PGWYEPSWWEQVHTEANSSRCLRKNLLAAMEGYIGVDFEPLSSKQIKTISGKTPQQYEREYNNKRSGVGPSKFHGYAYDG
IWVIAKTLQRAMETLHASSRHQRIQDFNYTDHTLGRIILNAMNETNFFGVTGQVVFRNGERMGTIKFTQFQDSREVKVGE
YNAVADTLEIINDTIRFQGSEPPKDDYKDDDDK
;
B
#
loop_
_chem_comp.id
_chem_comp.type
_chem_comp.name
_chem_comp.formula
381 non-polymer '(S)-(3-aminopropyl)(cyclohexylmethyl)phosphinic acid' 'C10 H22 N O2 P'
BMA D-saccharide, beta linking beta-D-mannopyranose 'C6 H12 O6'
FUC L-saccharide, alpha linking alpha-L-fucopyranose 'C6 H12 O5'
MAN D-saccharide, alpha linking alpha-D-mannopyranose 'C6 H12 O6'
NAG D-saccharide, beta linking 2-acetamido-2-deoxy-beta-D-glucopyranose 'C8 H15 N O6'
#
# COMPACT_ATOMS: atom_id res chain seq x y z
N SER A 1 43.12 3.45 26.81
CA SER A 1 42.19 3.84 25.76
C SER A 1 40.77 3.96 26.29
N GLU A 2 39.90 4.61 25.51
CA GLU A 2 38.51 4.80 25.84
C GLU A 2 37.60 4.09 24.83
N ARG A 3 36.45 3.59 25.31
CA ARG A 3 35.46 2.93 24.46
C ARG A 3 34.72 3.95 23.59
N ARG A 4 34.66 3.66 22.29
CA ARG A 4 33.98 4.50 21.31
C ARG A 4 32.46 4.22 21.34
N ALA A 5 31.65 5.28 21.38
CA ALA A 5 30.19 5.16 21.36
C ALA A 5 29.74 4.84 19.93
N VAL A 6 28.88 3.84 19.79
CA VAL A 6 28.33 3.40 18.50
C VAL A 6 26.80 3.43 18.69
N TYR A 7 26.08 4.09 17.74
CA TYR A 7 24.64 4.37 17.86
C TYR A 7 23.66 3.61 16.97
N ILE A 8 22.56 3.20 17.58
CA ILE A 8 21.41 2.55 16.95
C ILE A 8 20.31 3.62 16.85
N GLY A 9 19.71 3.75 15.68
CA GLY A 9 18.54 4.59 15.46
C GLY A 9 17.32 3.70 15.49
N ALA A 10 16.54 3.75 16.57
CA ALA A 10 15.37 2.89 16.71
C ALA A 10 14.06 3.63 16.68
N LEU A 11 13.02 2.93 16.22
CA LEU A 11 11.66 3.42 16.18
C LEU A 11 10.84 2.42 16.96
N PHE A 12 10.11 2.90 17.97
CA PHE A 12 9.25 2.05 18.83
C PHE A 12 7.81 2.45 18.70
N PRO A 13 6.90 1.53 18.36
CA PRO A 13 5.48 1.92 18.33
C PRO A 13 4.85 1.89 19.74
N MET A 14 4.74 3.05 20.40
CA MET A 14 4.14 3.15 21.75
C MET A 14 2.60 3.13 21.71
N SER A 15 2.01 3.42 20.52
CA SER A 15 0.57 3.36 20.21
C SER A 15 0.38 2.83 18.75
N GLY A 16 -0.87 2.81 18.28
CA GLY A 16 -1.23 2.34 16.94
C GLY A 16 -1.74 0.92 16.92
N GLY A 17 -1.74 0.31 15.73
CA GLY A 17 -2.21 -1.07 15.51
C GLY A 17 -1.46 -2.14 16.30
N TRP A 18 -0.13 -1.99 16.44
CA TRP A 18 0.70 -2.88 17.24
C TRP A 18 1.56 -2.00 18.14
N PRO A 19 1.10 -1.69 19.38
CA PRO A 19 1.88 -0.80 20.26
C PRO A 19 3.00 -1.59 20.98
N GLY A 20 3.78 -2.33 20.19
CA GLY A 20 4.86 -3.22 20.62
C GLY A 20 6.03 -2.64 21.35
N GLY A 21 6.31 -1.36 21.13
CA GLY A 21 7.40 -0.63 21.77
C GLY A 21 7.27 -0.52 23.28
N GLN A 22 6.04 -0.66 23.82
CA GLN A 22 5.75 -0.61 25.27
C GLN A 22 6.57 -1.66 26.05
N ALA A 23 6.70 -2.88 25.52
CA ALA A 23 7.53 -3.92 26.11
C ALA A 23 8.90 -4.10 25.38
N CYS A 24 8.96 -3.72 24.08
CA CYS A 24 10.17 -3.84 23.28
C CYS A 24 11.25 -2.78 23.56
N GLN A 25 10.87 -1.53 23.93
CA GLN A 25 11.88 -0.53 24.30
C GLN A 25 12.64 -0.94 25.61
N PRO A 26 11.97 -1.28 26.75
CA PRO A 26 12.72 -1.77 27.95
C PRO A 26 13.58 -3.02 27.68
N ALA A 27 13.07 -3.97 26.86
CA ALA A 27 13.79 -5.19 26.45
C ALA A 27 15.11 -4.88 25.74
N VAL A 28 15.09 -3.85 24.87
CA VAL A 28 16.25 -3.33 24.11
C VAL A 28 17.22 -2.68 25.12
N GLU A 29 16.68 -1.86 26.06
CA GLU A 29 17.45 -1.17 27.11
C GLU A 29 18.19 -2.18 28.00
N MET A 30 17.50 -3.27 28.38
CA MET A 30 18.04 -4.37 29.18
C MET A 30 19.14 -5.04 28.37
N ALA A 31 18.88 -5.38 27.09
CA ALA A 31 19.85 -6.03 26.21
C ALA A 31 21.13 -5.22 26.00
N LEU A 32 21.03 -3.89 25.94
CA LEU A 32 22.17 -3.00 25.77
C LEU A 32 23.04 -3.00 27.02
N GLU A 33 22.41 -2.89 28.22
CA GLU A 33 23.07 -2.98 29.54
C GLU A 33 23.85 -4.29 29.63
N ASP A 34 23.21 -5.43 29.25
CA ASP A 34 23.80 -6.77 29.24
C ASP A 34 24.99 -6.92 28.32
N VAL A 35 24.92 -6.41 27.09
CA VAL A 35 26.00 -6.45 26.09
C VAL A 35 27.16 -5.52 26.50
N ASN A 36 26.83 -4.30 26.96
CA ASN A 36 27.81 -3.30 27.40
C ASN A 36 28.57 -3.71 28.69
N SER A 37 27.93 -4.50 29.59
CA SER A 37 28.56 -4.98 30.82
C SER A 37 29.48 -6.20 30.57
N ARG A 38 29.37 -6.85 29.38
CA ARG A 38 30.19 -7.98 29.01
C ARG A 38 31.41 -7.47 28.26
N ARG A 39 32.62 -7.75 28.77
CA ARG A 39 33.88 -7.31 28.16
C ARG A 39 34.37 -8.23 27.03
N ASP A 40 33.70 -9.39 26.84
CA ASP A 40 34.04 -10.34 25.78
C ASP A 40 33.31 -10.07 24.44
N ILE A 41 32.30 -9.17 24.44
CA ILE A 41 31.56 -8.85 23.21
C ILE A 41 32.16 -7.64 22.50
N LEU A 42 31.90 -6.42 22.96
CA LEU A 42 32.47 -5.24 22.27
C LEU A 42 33.32 -4.48 23.30
N PRO A 43 34.54 -4.99 23.66
CA PRO A 43 35.34 -4.30 24.68
C PRO A 43 35.81 -2.89 24.27
N ASP A 44 36.02 -2.66 22.97
CA ASP A 44 36.47 -1.40 22.39
C ASP A 44 35.30 -0.41 22.19
N TYR A 45 34.05 -0.93 22.21
CA TYR A 45 32.87 -0.12 21.91
C TYR A 45 31.75 -0.14 22.94
N GLU A 46 31.00 0.99 22.98
CA GLU A 46 29.81 1.13 23.81
C GLU A 46 28.59 1.35 22.89
N LEU A 47 27.65 0.41 22.91
CA LEU A 47 26.43 0.48 22.10
C LEU A 47 25.41 1.37 22.78
N LYS A 48 25.03 2.47 22.09
CA LYS A 48 24.05 3.45 22.60
C LYS A 48 22.78 3.51 21.72
N LEU A 49 21.65 3.92 22.34
CA LEU A 49 20.36 3.98 21.70
C LEU A 49 19.80 5.38 21.63
N ILE A 50 19.34 5.74 20.43
CA ILE A 50 18.64 7.00 20.11
C ILE A 50 17.34 6.55 19.49
N HIS A 51 16.22 6.91 20.13
CA HIS A 51 14.93 6.41 19.73
C HIS A 51 13.82 7.45 19.62
N HIS A 52 12.76 7.09 18.87
CA HIS A 52 11.55 7.90 18.69
C HIS A 52 10.32 6.98 18.64
N ASP A 53 9.13 7.51 19.03
CA ASP A 53 7.86 6.80 19.00
C ASP A 53 7.27 7.01 17.60
N SER A 54 7.14 5.90 16.84
CA SER A 54 6.61 5.87 15.48
C SER A 54 5.07 5.86 15.43
N LYS A 55 4.42 5.45 16.55
CA LYS A 55 2.96 5.34 16.70
C LYS A 55 2.41 4.31 15.68
N CYS A 56 3.29 3.37 15.22
CA CYS A 56 3.00 2.29 14.28
C CYS A 56 2.45 2.89 12.96
N ASP A 57 2.93 4.12 12.64
CA ASP A 57 2.45 4.92 11.49
C ASP A 57 3.60 5.32 10.58
N PRO A 58 3.55 4.91 9.28
CA PRO A 58 4.64 5.29 8.34
C PRO A 58 4.86 6.79 8.18
N GLY A 59 3.79 7.58 8.14
CA GLY A 59 3.87 9.02 7.99
C GLY A 59 4.61 9.68 9.13
N GLN A 60 4.28 9.26 10.35
CA GLN A 60 4.86 9.68 11.63
C GLN A 60 6.34 9.28 11.67
N ALA A 61 6.64 8.05 11.19
CA ALA A 61 7.97 7.44 11.13
C ALA A 61 8.92 8.19 10.16
N THR A 62 8.35 8.75 9.07
CA THR A 62 9.08 9.53 8.06
C THR A 62 9.70 10.80 8.69
N LYS A 63 9.00 11.41 9.66
CA LYS A 63 9.49 12.57 10.39
C LYS A 63 10.69 12.18 11.31
N TYR A 64 10.58 11.03 11.98
CA TYR A 64 11.63 10.57 12.89
C TYR A 64 12.81 9.91 12.20
N LEU A 65 12.58 9.29 11.01
CA LEU A 65 13.64 8.73 10.19
C LEU A 65 14.55 9.90 9.78
N TYR A 66 13.95 11.05 9.37
CA TYR A 66 14.71 12.26 9.03
C TYR A 66 15.56 12.69 10.23
N GLU A 67 14.92 12.79 11.42
CA GLU A 67 15.52 13.19 12.69
C GLU A 67 16.70 12.30 13.05
N LEU A 68 16.62 11.01 12.73
CA LEU A 68 17.70 10.04 12.99
C LEU A 68 18.87 10.22 12.03
N LEU A 69 18.57 10.42 10.74
CA LEU A 69 19.57 10.52 9.69
C LEU A 69 20.23 11.89 9.54
N TYR A 70 19.49 12.97 9.79
CA TYR A 70 19.98 14.32 9.58
C TYR A 70 20.47 15.07 10.81
N ASN A 71 20.58 14.37 11.94
CA ASN A 71 21.16 14.88 13.18
C ASN A 71 22.30 14.00 13.64
N ASP A 72 23.35 14.65 14.18
CA ASP A 72 24.48 13.96 14.79
C ASP A 72 23.97 13.35 16.10
N PRO A 73 24.47 12.18 16.52
CA PRO A 73 25.55 11.40 15.91
C PRO A 73 25.09 10.47 14.77
N ILE A 74 26.06 10.03 13.95
CA ILE A 74 25.84 9.07 12.88
C ILE A 74 25.37 7.74 13.50
N LYS A 75 24.29 7.16 12.93
CA LYS A 75 23.77 5.88 13.41
C LYS A 75 24.34 4.77 12.51
N ILE A 76 24.70 3.61 13.08
CA ILE A 76 25.25 2.49 12.29
C ILE A 76 24.18 1.48 11.84
N ILE A 77 23.03 1.50 12.52
CA ILE A 77 21.92 0.61 12.23
C ILE A 77 20.59 1.30 12.51
N LEU A 78 19.54 0.88 11.79
CA LEU A 78 18.18 1.36 11.99
C LEU A 78 17.36 0.19 12.52
N MET A 79 16.60 0.42 13.61
CA MET A 79 15.77 -0.59 14.25
C MET A 79 14.26 -0.26 14.35
N PRO A 80 13.48 -0.52 13.27
CA PRO A 80 12.02 -0.27 13.35
C PRO A 80 11.27 -1.50 13.89
N GLY A 81 10.02 -1.28 14.29
CA GLY A 81 9.16 -2.32 14.85
C GLY A 81 8.10 -2.86 13.91
N CYS A 82 7.01 -2.08 13.67
CA CYS A 82 5.85 -2.41 12.80
C CYS A 82 6.30 -2.69 11.37
N SER A 83 5.55 -3.54 10.65
CA SER A 83 5.80 -3.90 9.25
C SER A 83 5.68 -2.69 8.32
N SER A 84 4.71 -1.82 8.58
CA SER A 84 4.49 -0.62 7.77
C SER A 84 5.67 0.36 7.89
N VAL A 85 6.18 0.51 9.11
CA VAL A 85 7.32 1.36 9.42
C VAL A 85 8.61 0.71 8.82
N SER A 86 8.78 -0.61 8.99
CA SER A 86 9.93 -1.32 8.40
C SER A 86 9.90 -1.26 6.88
N THR A 87 8.72 -1.36 6.22
CA THR A 87 8.62 -1.27 4.76
C THR A 87 9.14 0.08 4.28
N LEU A 88 8.79 1.16 5.01
CA LEU A 88 9.28 2.50 4.74
C LEU A 88 10.81 2.64 4.96
N VAL A 89 11.30 2.27 6.16
CA VAL A 89 12.71 2.43 6.48
C VAL A 89 13.64 1.48 5.73
N ALA A 90 13.23 0.21 5.52
CA ALA A 90 14.08 -0.77 4.81
C ALA A 90 14.22 -0.48 3.33
N GLU A 91 13.24 0.23 2.73
CA GLU A 91 13.32 0.65 1.34
C GLU A 91 14.21 1.89 1.18
N ALA A 92 14.02 2.90 2.05
CA ALA A 92 14.79 4.15 2.08
C ALA A 92 16.31 3.93 2.40
N ALA A 93 16.62 3.00 3.33
CA ALA A 93 17.93 2.66 3.89
C ALA A 93 19.13 2.61 2.96
N ARG A 94 18.97 2.05 1.72
CA ARG A 94 20.08 1.94 0.75
C ARG A 94 20.73 3.28 0.42
N MET A 95 19.96 4.40 0.52
CA MET A 95 20.43 5.76 0.24
C MET A 95 21.42 6.31 1.27
N TRP A 96 21.48 5.67 2.45
CA TRP A 96 22.39 6.02 3.55
C TRP A 96 23.26 4.81 3.95
N ASN A 97 23.33 3.78 3.09
CA ASN A 97 24.08 2.53 3.29
C ASN A 97 23.89 1.95 4.69
N LEU A 98 22.63 1.77 5.06
CA LEU A 98 22.26 1.32 6.40
C LEU A 98 21.64 -0.04 6.50
N ILE A 99 22.09 -0.81 7.49
CA ILE A 99 21.49 -2.10 7.83
C ILE A 99 20.21 -1.76 8.58
N VAL A 100 19.15 -2.50 8.29
CA VAL A 100 17.88 -2.33 8.96
C VAL A 100 17.59 -3.63 9.69
N LEU A 101 17.33 -3.54 11.01
CA LEU A 101 17.00 -4.73 11.79
C LEU A 101 15.69 -4.56 12.55
N SER A 102 14.65 -5.28 12.11
CA SER A 102 13.37 -5.21 12.77
C SER A 102 13.16 -6.27 13.86
N TYR A 103 12.54 -5.87 14.97
CA TYR A 103 12.22 -6.76 16.10
C TYR A 103 10.73 -7.19 16.09
N GLY A 104 9.89 -6.54 15.27
CA GLY A 104 8.46 -6.87 15.27
C GLY A 104 7.73 -7.08 13.95
N SER A 105 8.43 -7.06 12.82
CA SER A 105 7.80 -7.18 11.48
C SER A 105 7.47 -8.60 11.03
N SER A 106 6.19 -8.83 10.75
CA SER A 106 5.67 -10.15 10.34
C SER A 106 5.35 -10.27 8.85
N SER A 107 5.19 -9.12 8.16
CA SER A 107 4.81 -9.05 6.77
C SER A 107 5.65 -9.92 5.82
N PRO A 108 5.02 -10.88 5.08
CA PRO A 108 5.79 -11.70 4.11
C PRO A 108 6.55 -10.90 3.02
N ALA A 109 6.03 -9.70 2.67
CA ALA A 109 6.62 -8.80 1.66
C ALA A 109 8.00 -8.29 2.04
N LEU A 110 8.29 -8.21 3.36
CA LEU A 110 9.60 -7.73 3.84
C LEU A 110 10.73 -8.73 3.59
N SER A 111 10.41 -9.91 3.04
CA SER A 111 11.45 -10.89 2.69
C SER A 111 11.76 -10.84 1.18
N ASN A 112 11.94 -9.60 0.66
CA ASN A 112 12.25 -9.25 -0.72
C ASN A 112 13.58 -8.48 -0.74
N ARG A 113 14.67 -9.19 -1.08
CA ARG A 113 16.02 -8.65 -1.11
C ARG A 113 16.27 -7.55 -2.15
N GLN A 114 15.50 -7.55 -3.22
CA GLN A 114 15.64 -6.58 -4.33
C GLN A 114 15.26 -5.20 -3.84
N ARG A 115 14.15 -5.18 -3.13
CA ARG A 115 13.56 -4.00 -2.57
C ARG A 115 14.09 -3.62 -1.16
N PHE A 116 14.47 -4.62 -0.36
CA PHE A 116 14.95 -4.39 1.01
C PHE A 116 16.32 -5.07 1.11
N PRO A 117 17.33 -4.47 0.45
CA PRO A 117 18.65 -5.14 0.36
C PRO A 117 19.48 -5.32 1.62
N THR A 118 19.29 -4.47 2.65
CA THR A 118 20.08 -4.55 3.91
C THR A 118 19.22 -4.91 5.14
N PHE A 119 18.07 -5.56 4.91
CA PHE A 119 17.05 -5.88 5.90
C PHE A 119 17.16 -7.24 6.59
N PHE A 120 17.09 -7.21 7.92
CA PHE A 120 17.07 -8.40 8.76
C PHE A 120 15.94 -8.25 9.75
N ARG A 121 15.41 -9.36 10.25
CA ARG A 121 14.36 -9.33 11.28
C ARG A 121 14.42 -10.55 12.21
N THR A 122 14.38 -10.33 13.55
CA THR A 122 14.37 -11.42 14.55
C THR A 122 12.95 -11.95 14.71
N HIS A 123 11.96 -11.14 14.25
CA HIS A 123 10.57 -11.54 14.19
C HIS A 123 10.43 -12.36 12.87
N PRO A 124 9.96 -13.61 12.89
CA PRO A 124 9.80 -14.34 11.62
C PRO A 124 8.68 -13.78 10.75
N SER A 125 8.72 -14.13 9.45
CA SER A 125 7.68 -13.79 8.48
C SER A 125 6.43 -14.63 8.80
N ALA A 126 5.22 -14.10 8.50
CA ALA A 126 3.96 -14.84 8.67
C ALA A 126 3.95 -16.16 7.84
N THR A 127 4.84 -16.26 6.83
CA THR A 127 5.01 -17.47 6.00
C THR A 127 5.59 -18.64 6.79
N LEU A 128 6.15 -18.40 8.01
CA LEU A 128 6.68 -19.48 8.86
C LEU A 128 5.60 -20.51 9.29
N HIS A 129 4.32 -20.14 9.19
CA HIS A 129 3.19 -21.04 9.49
C HIS A 129 3.04 -22.13 8.40
N ASN A 130 3.39 -21.79 7.13
CA ASN A 130 3.32 -22.65 5.94
C ASN A 130 4.10 -23.97 5.97
N PRO A 131 5.43 -24.04 6.29
CA PRO A 131 6.10 -25.36 6.37
C PRO A 131 5.49 -26.28 7.43
N THR A 132 4.98 -25.72 8.55
CA THR A 132 4.33 -26.49 9.61
C THR A 132 3.02 -27.05 9.07
N ARG A 133 2.28 -26.23 8.29
CA ARG A 133 1.03 -26.63 7.68
C ARG A 133 1.28 -27.81 6.72
N VAL A 134 2.23 -27.66 5.76
CA VAL A 134 2.58 -28.73 4.81
C VAL A 134 2.99 -30.03 5.50
N LYS A 135 3.76 -29.94 6.61
CA LYS A 135 4.20 -31.08 7.41
C LYS A 135 3.01 -31.80 8.10
N LEU A 136 2.00 -31.02 8.59
CA LEU A 136 0.83 -31.59 9.26
C LEU A 136 -0.06 -32.27 8.24
N PHE A 137 -0.10 -31.72 7.02
CA PHE A 137 -0.85 -32.29 5.91
C PHE A 137 -0.24 -33.63 5.49
N GLU A 138 1.11 -33.67 5.37
CA GLU A 138 1.90 -34.85 4.99
C GLU A 138 1.74 -35.97 6.01
N LYS A 139 1.82 -35.62 7.31
CA LYS A 139 1.67 -36.57 8.41
C LYS A 139 0.29 -37.21 8.38
N TRP A 140 -0.75 -36.39 8.17
CA TRP A 140 -2.13 -36.84 8.13
C TRP A 140 -2.63 -37.30 6.74
N GLY A 141 -1.73 -37.29 5.77
CA GLY A 141 -1.94 -37.77 4.41
C GLY A 141 -2.86 -36.99 3.51
N TRP A 142 -3.09 -35.69 3.80
CA TRP A 142 -3.95 -34.87 2.95
C TRP A 142 -3.19 -34.25 1.79
N LYS A 143 -3.82 -34.27 0.61
CA LYS A 143 -3.27 -33.74 -0.65
C LYS A 143 -4.25 -32.73 -1.27
N LYS A 144 -5.44 -32.57 -0.66
CA LYS A 144 -6.49 -31.67 -1.11
C LYS A 144 -6.85 -30.72 0.04
N ILE A 145 -6.49 -29.42 -0.13
CA ILE A 145 -6.68 -28.38 0.88
C ILE A 145 -7.45 -27.15 0.36
N ALA A 146 -8.45 -26.69 1.13
CA ALA A 146 -9.24 -25.50 0.83
C ALA A 146 -8.69 -24.34 1.69
N THR A 147 -8.68 -23.12 1.13
CA THR A 147 -8.16 -21.95 1.83
C THR A 147 -9.18 -20.81 1.85
N ILE A 148 -9.40 -20.20 3.04
CA ILE A 148 -10.31 -19.05 3.23
C ILE A 148 -9.56 -17.91 3.93
N GLN A 149 -9.61 -16.72 3.36
CA GLN A 149 -8.90 -15.59 3.94
C GLN A 149 -9.73 -14.34 4.02
N GLN A 150 -9.35 -13.45 4.94
CA GLN A 150 -9.90 -12.11 5.05
C GLN A 150 -9.01 -11.29 4.07
N THR A 151 -9.56 -10.26 3.40
CA THR A 151 -8.75 -9.47 2.47
C THR A 151 -7.88 -8.46 3.21
N THR A 152 -6.61 -8.79 3.36
CA THR A 152 -5.54 -8.02 3.97
C THR A 152 -4.30 -8.48 3.24
N GLU A 153 -3.33 -7.58 3.05
CA GLU A 153 -2.07 -7.85 2.35
C GLU A 153 -1.33 -9.04 2.96
N VAL A 154 -1.21 -9.06 4.30
CA VAL A 154 -0.54 -10.12 5.05
C VAL A 154 -1.12 -11.52 4.76
N PHE A 155 -2.45 -11.66 4.73
CA PHE A 155 -3.10 -12.95 4.48
C PHE A 155 -2.96 -13.42 3.03
N THR A 156 -3.01 -12.46 2.06
CA THR A 156 -2.89 -12.71 0.62
C THR A 156 -1.48 -13.29 0.34
N SER A 157 -0.46 -12.62 0.88
CA SER A 157 0.95 -12.98 0.77
C SER A 157 1.22 -14.33 1.41
N THR A 158 0.58 -14.61 2.58
CA THR A 158 0.75 -15.89 3.27
C THR A 158 0.17 -17.05 2.44
N LEU A 159 -0.99 -16.85 1.82
CA LEU A 159 -1.61 -17.88 0.97
C LEU A 159 -0.87 -18.06 -0.35
N ASP A 160 -0.23 -16.98 -0.87
CA ASP A 160 0.60 -17.03 -2.08
C ASP A 160 1.82 -17.93 -1.87
N ASP A 161 2.43 -17.82 -0.66
CA ASP A 161 3.56 -18.63 -0.30
C ASP A 161 3.14 -20.09 -0.10
N LEU A 162 1.97 -20.32 0.54
CA LEU A 162 1.42 -21.68 0.80
C LEU A 162 1.22 -22.49 -0.51
N GLU A 163 0.86 -21.79 -1.61
CA GLU A 163 0.66 -22.35 -2.95
C GLU A 163 1.96 -22.99 -3.47
N GLU A 164 3.09 -22.25 -3.40
CA GLU A 164 4.39 -22.75 -3.85
C GLU A 164 4.94 -23.88 -2.97
N ARG A 165 4.57 -23.86 -1.68
CA ARG A 165 4.99 -24.85 -0.68
C ARG A 165 4.23 -26.17 -0.81
N VAL A 166 2.91 -26.11 -1.12
CA VAL A 166 2.09 -27.31 -1.34
C VAL A 166 2.51 -28.07 -2.60
N LYS A 167 2.84 -27.32 -3.69
CA LYS A 167 3.28 -27.84 -4.99
C LYS A 167 4.53 -28.72 -4.87
N GLU A 168 5.51 -28.29 -4.06
CA GLU A 168 6.76 -29.03 -3.80
C GLU A 168 6.47 -30.33 -3.06
N ALA A 169 5.51 -30.30 -2.11
CA ALA A 169 5.12 -31.42 -1.26
C ALA A 169 4.15 -32.42 -1.91
N GLY A 170 3.71 -32.12 -3.14
CA GLY A 170 2.77 -32.94 -3.89
C GLY A 170 1.34 -32.81 -3.40
N ILE A 171 1.00 -31.61 -2.88
CA ILE A 171 -0.32 -31.27 -2.35
C ILE A 171 -0.90 -30.14 -3.23
N GLU A 172 -2.24 -30.08 -3.37
CA GLU A 172 -2.88 -29.05 -4.19
C GLU A 172 -3.96 -28.29 -3.43
N ILE A 173 -4.14 -27.00 -3.77
CA ILE A 173 -5.17 -26.15 -3.18
C ILE A 173 -6.41 -26.29 -4.06
N THR A 174 -7.44 -26.97 -3.52
CA THR A 174 -8.70 -27.24 -4.21
C THR A 174 -9.46 -25.96 -4.52
N PHE A 175 -9.78 -25.19 -3.47
CA PHE A 175 -10.57 -23.95 -3.58
C PHE A 175 -10.02 -22.83 -2.71
N ARG A 176 -10.06 -21.59 -3.24
CA ARG A 176 -9.59 -20.41 -2.55
C ARG A 176 -10.67 -19.35 -2.58
N GLN A 177 -11.16 -18.98 -1.39
CA GLN A 177 -12.23 -18.00 -1.23
C GLN A 177 -11.72 -16.84 -0.38
N SER A 178 -12.33 -15.66 -0.56
CA SER A 178 -11.93 -14.44 0.15
C SER A 178 -13.13 -13.57 0.55
N PHE A 179 -12.96 -12.74 1.59
CA PHE A 179 -13.98 -11.84 2.09
C PHE A 179 -13.36 -10.60 2.73
N PHE A 180 -14.00 -9.46 2.58
CA PHE A 180 -13.48 -8.24 3.19
C PHE A 180 -13.91 -8.12 4.65
N SER A 181 -15.22 -8.24 4.91
CA SER A 181 -15.82 -8.11 6.24
C SER A 181 -16.83 -9.22 6.54
N ASP A 182 -17.65 -9.62 5.54
CA ASP A 182 -18.67 -10.65 5.71
C ASP A 182 -18.27 -12.00 5.10
N PRO A 183 -18.12 -13.05 5.93
CA PRO A 183 -17.72 -14.36 5.39
C PRO A 183 -18.86 -15.36 5.07
N ALA A 184 -20.13 -14.88 4.94
CA ALA A 184 -21.30 -15.73 4.66
C ALA A 184 -21.19 -16.51 3.35
N VAL A 185 -20.92 -15.80 2.22
CA VAL A 185 -20.78 -16.43 0.90
C VAL A 185 -19.56 -17.38 0.79
N PRO A 186 -18.32 -16.99 1.24
CA PRO A 186 -17.18 -17.92 1.15
C PRO A 186 -17.35 -19.22 1.93
N VAL A 187 -18.00 -19.19 3.11
CA VAL A 187 -18.22 -20.41 3.93
C VAL A 187 -19.29 -21.33 3.32
N LYS A 188 -20.35 -20.72 2.72
CA LYS A 188 -21.42 -21.45 2.04
C LYS A 188 -20.83 -22.24 0.86
N ASN A 189 -19.87 -21.61 0.12
CA ASN A 189 -19.16 -22.22 -0.99
C ASN A 189 -18.28 -23.39 -0.55
N LEU A 190 -17.71 -23.32 0.67
CA LEU A 190 -16.88 -24.40 1.23
C LEU A 190 -17.72 -25.67 1.46
N LYS A 191 -18.98 -25.51 1.90
CA LYS A 191 -19.93 -26.60 2.11
C LYS A 191 -20.36 -27.18 0.75
N ARG A 192 -20.72 -26.30 -0.20
CA ARG A 192 -21.15 -26.62 -1.56
C ARG A 192 -20.09 -27.43 -2.31
N GLN A 193 -18.81 -27.02 -2.22
CA GLN A 193 -17.70 -27.69 -2.86
C GLN A 193 -17.17 -28.90 -2.09
N ASP A 194 -17.81 -29.20 -0.93
CA ASP A 194 -17.50 -30.30 -0.02
C ASP A 194 -16.03 -30.31 0.44
N ALA A 195 -15.58 -29.15 0.95
CA ALA A 195 -14.22 -28.96 1.45
C ALA A 195 -14.10 -29.61 2.84
N ARG A 196 -13.01 -30.33 3.09
CA ARG A 196 -12.80 -31.02 4.37
C ARG A 196 -11.64 -30.43 5.19
N ILE A 197 -10.47 -30.22 4.54
CA ILE A 197 -9.29 -29.65 5.19
C ILE A 197 -9.22 -28.16 4.78
N ILE A 198 -9.49 -27.26 5.75
CA ILE A 198 -9.58 -25.81 5.51
C ILE A 198 -8.58 -24.95 6.32
N VAL A 199 -7.84 -24.09 5.62
CA VAL A 199 -6.90 -23.14 6.20
C VAL A 199 -7.61 -21.79 6.20
N GLY A 200 -7.87 -21.26 7.40
CA GLY A 200 -8.55 -19.98 7.60
C GLY A 200 -7.63 -18.91 8.18
N LEU A 201 -7.41 -17.81 7.42
CA LEU A 201 -6.55 -16.68 7.81
C LEU A 201 -7.34 -15.39 7.98
N PHE A 202 -7.57 -14.98 9.23
CA PHE A 202 -8.32 -13.76 9.57
C PHE A 202 -7.99 -13.30 10.97
N TYR A 203 -8.36 -12.06 11.30
CA TYR A 203 -8.22 -11.50 12.64
C TYR A 203 -9.38 -11.99 13.53
N GLU A 204 -9.29 -11.71 14.86
CA GLU A 204 -10.25 -12.15 15.88
C GLU A 204 -11.73 -11.80 15.64
N THR A 205 -12.04 -10.53 15.31
CA THR A 205 -13.40 -10.08 15.00
C THR A 205 -14.00 -10.93 13.87
N GLU A 206 -13.22 -11.15 12.79
CA GLU A 206 -13.62 -11.92 11.61
C GLU A 206 -13.70 -13.40 11.89
N ALA A 207 -12.85 -13.91 12.81
CA ALA A 207 -12.83 -15.31 13.20
C ALA A 207 -14.18 -15.70 13.86
N ARG A 208 -14.76 -14.81 14.68
CA ARG A 208 -16.05 -15.02 15.32
C ARG A 208 -17.16 -15.10 14.30
N LYS A 209 -17.07 -14.27 13.24
CA LYS A 209 -18.03 -14.23 12.14
C LYS A 209 -17.93 -15.50 11.30
N VAL A 210 -16.69 -15.94 11.00
CA VAL A 210 -16.43 -17.16 10.23
C VAL A 210 -17.04 -18.35 10.95
N PHE A 211 -16.74 -18.50 12.26
CA PHE A 211 -17.23 -19.60 13.06
C PHE A 211 -18.72 -19.61 13.40
N CYS A 212 -19.41 -18.47 13.25
CA CYS A 212 -20.87 -18.41 13.42
C CYS A 212 -21.48 -19.03 12.17
N GLU A 213 -20.99 -18.59 11.02
CA GLU A 213 -21.36 -19.08 9.70
C GLU A 213 -20.99 -20.55 9.58
N VAL A 214 -19.90 -20.99 10.26
CA VAL A 214 -19.44 -22.39 10.28
C VAL A 214 -20.43 -23.26 11.08
N TYR A 215 -21.07 -22.69 12.14
CA TYR A 215 -22.05 -23.43 12.94
C TYR A 215 -23.32 -23.64 12.15
N LYS A 216 -23.89 -22.54 11.61
CA LYS A 216 -25.11 -22.47 10.81
C LYS A 216 -25.11 -23.41 9.60
N GLU A 217 -23.93 -23.65 9.01
CA GLU A 217 -23.73 -24.48 7.82
C GLU A 217 -23.23 -25.89 8.14
N ARG A 218 -23.13 -26.27 9.44
CA ARG A 218 -22.66 -27.58 9.91
C ARG A 218 -21.29 -27.97 9.30
N LEU A 219 -20.40 -26.95 9.16
CA LEU A 219 -19.07 -27.08 8.58
C LEU A 219 -18.00 -27.49 9.60
N PHE A 220 -18.47 -28.06 10.72
CA PHE A 220 -17.66 -28.56 11.82
C PHE A 220 -18.07 -30.03 12.07
N GLY A 221 -17.19 -30.77 12.72
CA GLY A 221 -17.42 -32.17 13.05
C GLY A 221 -16.31 -33.09 12.56
N LYS A 222 -16.62 -34.39 12.52
CA LYS A 222 -15.70 -35.48 12.11
C LYS A 222 -15.10 -35.26 10.74
N LYS A 223 -15.91 -34.81 9.76
CA LYS A 223 -15.50 -34.58 8.37
C LYS A 223 -14.48 -33.45 8.19
N TYR A 224 -14.55 -32.41 9.05
CA TYR A 224 -13.77 -31.18 8.94
C TYR A 224 -12.66 -30.89 9.94
N VAL A 225 -11.55 -30.35 9.43
CA VAL A 225 -10.38 -29.91 10.19
C VAL A 225 -10.08 -28.47 9.77
N TRP A 226 -10.13 -27.55 10.74
CA TRP A 226 -9.80 -26.15 10.51
C TRP A 226 -8.39 -25.86 10.99
N PHE A 227 -7.62 -25.12 10.17
CA PHE A 227 -6.25 -24.67 10.47
C PHE A 227 -6.27 -23.16 10.60
N LEU A 228 -6.01 -22.66 11.82
CA LEU A 228 -6.04 -21.23 12.12
C LEU A 228 -4.73 -20.73 12.72
N ILE A 229 -4.57 -19.40 12.80
CA ILE A 229 -3.39 -18.80 13.44
C ILE A 229 -3.72 -18.80 14.94
N GLY A 230 -2.78 -19.28 15.75
CA GLY A 230 -2.92 -19.36 17.20
C GLY A 230 -2.54 -18.08 17.91
N TRP A 231 -3.07 -16.94 17.42
CA TRP A 231 -2.78 -15.62 17.99
C TRP A 231 -4.01 -15.00 18.68
N TYR A 232 -5.15 -15.70 18.70
CA TYR A 232 -6.38 -15.18 19.32
C TYR A 232 -6.34 -15.10 20.86
N ALA A 233 -7.20 -14.23 21.44
CA ALA A 233 -7.37 -14.06 22.88
C ALA A 233 -7.89 -15.39 23.47
N ASP A 234 -7.63 -15.62 24.76
CA ASP A 234 -7.96 -16.84 25.50
C ASP A 234 -9.26 -17.58 25.17
N ASN A 235 -10.43 -16.94 25.27
CA ASN A 235 -11.66 -17.65 24.91
C ASN A 235 -12.42 -16.84 23.87
N TRP A 236 -11.71 -16.53 22.75
CA TRP A 236 -12.17 -15.71 21.63
C TRP A 236 -13.57 -16.04 21.10
N PHE A 237 -13.89 -17.34 20.99
CA PHE A 237 -15.16 -17.84 20.47
C PHE A 237 -16.33 -17.60 21.43
N LYS A 238 -16.02 -17.40 22.73
CA LYS A 238 -16.97 -17.11 23.82
C LYS A 238 -17.21 -15.61 23.97
N ILE A 239 -16.27 -14.77 23.48
CA ILE A 239 -16.32 -13.30 23.55
C ILE A 239 -17.59 -12.76 22.89
N TYR A 240 -18.35 -11.94 23.63
CA TYR A 240 -19.58 -11.34 23.17
C TYR A 240 -19.33 -10.36 22.05
N ASP A 241 -20.10 -10.52 20.98
CA ASP A 241 -20.07 -9.68 19.80
C ASP A 241 -21.54 -9.54 19.33
N PRO A 242 -22.13 -8.33 19.41
CA PRO A 242 -23.54 -8.19 18.98
C PRO A 242 -23.81 -8.42 17.47
N SER A 243 -22.76 -8.37 16.62
CA SER A 243 -22.84 -8.58 15.16
C SER A 243 -23.07 -10.05 14.79
N ILE A 244 -22.88 -10.99 15.74
CA ILE A 244 -23.07 -12.43 15.48
C ILE A 244 -24.33 -13.00 16.14
N ASN A 245 -25.03 -13.89 15.41
CA ASN A 245 -26.28 -14.54 15.83
C ASN A 245 -26.09 -15.70 16.81
N CYS A 246 -25.04 -16.51 16.57
CA CYS A 246 -24.71 -17.73 17.32
C CYS A 246 -24.44 -17.50 18.81
N THR A 247 -24.82 -18.48 19.64
CA THR A 247 -24.58 -18.44 21.09
C THR A 247 -23.19 -19.03 21.42
N VAL A 248 -22.75 -18.87 22.69
CA VAL A 248 -21.46 -19.36 23.22
C VAL A 248 -21.32 -20.88 23.05
N ASP A 249 -22.38 -21.65 23.43
CA ASP A 249 -22.44 -23.12 23.36
C ASP A 249 -22.37 -23.61 21.92
N GLU A 250 -23.06 -22.92 21.00
CA GLU A 250 -23.10 -23.19 19.56
C GLU A 250 -21.71 -22.96 18.97
N MET A 251 -21.07 -21.87 19.43
CA MET A 251 -19.73 -21.48 19.00
C MET A 251 -18.61 -22.35 19.53
N THR A 252 -18.72 -22.82 20.80
CA THR A 252 -17.75 -23.73 21.44
C THR A 252 -17.74 -25.07 20.67
N GLU A 253 -18.91 -25.38 20.07
CA GLU A 253 -19.20 -26.57 19.29
C GLU A 253 -18.54 -26.47 17.91
N ALA A 254 -18.70 -25.32 17.21
CA ALA A 254 -18.12 -25.04 15.89
C ALA A 254 -16.58 -25.06 15.87
N VAL A 255 -15.94 -24.55 16.93
CA VAL A 255 -14.48 -24.47 17.07
C VAL A 255 -13.79 -25.78 17.53
N GLU A 256 -14.55 -26.68 18.16
CA GLU A 256 -14.05 -27.98 18.65
C GLU A 256 -13.16 -28.73 17.65
N GLY A 257 -11.97 -29.14 18.11
CA GLY A 257 -10.99 -29.90 17.33
C GLY A 257 -10.06 -29.19 16.38
N HIS A 258 -10.31 -27.87 16.09
CA HIS A 258 -9.46 -27.10 15.16
C HIS A 258 -7.99 -27.02 15.57
N ILE A 259 -7.10 -27.00 14.56
CA ILE A 259 -5.66 -26.91 14.76
C ILE A 259 -5.19 -25.43 14.61
N THR A 260 -4.18 -25.05 15.41
CA THR A 260 -3.55 -23.72 15.32
C THR A 260 -2.05 -23.86 15.24
N THR A 261 -1.43 -22.92 14.53
CA THR A 261 0.01 -22.77 14.43
C THR A 261 0.32 -21.38 14.99
N GLU A 262 1.43 -21.27 15.72
CA GLU A 262 1.85 -20.03 16.35
C GLU A 262 3.38 -20.00 16.35
N ILE A 263 3.95 -18.83 16.03
CA ILE A 263 5.41 -18.64 16.04
C ILE A 263 5.90 -18.65 17.49
N VAL A 264 6.93 -19.48 17.80
CA VAL A 264 7.53 -19.55 19.13
C VAL A 264 8.38 -18.29 19.29
N MET A 265 8.07 -17.49 20.34
CA MET A 265 8.77 -16.25 20.63
C MET A 265 9.56 -16.28 21.96
N LEU A 266 9.40 -17.35 22.75
CA LEU A 266 10.09 -17.56 24.00
C LEU A 266 10.39 -19.04 24.07
N ASN A 267 11.68 -19.40 24.24
CA ASN A 267 12.14 -20.80 24.31
C ASN A 267 11.40 -21.55 25.44
N PRO A 268 10.59 -22.60 25.11
CA PRO A 268 9.88 -23.33 26.17
C PRO A 268 10.82 -24.07 27.14
N ALA A 269 12.04 -24.41 26.66
CA ALA A 269 13.09 -25.08 27.45
C ALA A 269 13.62 -24.19 28.58
N ASN A 270 14.18 -24.83 29.62
CA ASN A 270 14.73 -24.18 30.80
C ASN A 270 16.26 -23.94 30.65
N THR A 271 16.77 -23.99 29.40
CA THR A 271 18.19 -23.76 29.09
C THR A 271 18.64 -22.29 29.30
N ARG A 272 19.95 -22.05 29.42
CA ARG A 272 20.48 -20.69 29.55
C ARG A 272 21.07 -20.27 28.22
N SER A 273 20.73 -19.05 27.77
CA SER A 273 21.18 -18.53 26.48
C SER A 273 22.48 -17.71 26.62
N ILE A 274 22.89 -16.95 25.58
CA ILE A 274 24.14 -16.15 25.58
C ILE A 274 24.25 -15.11 26.72
N SER A 275 23.09 -14.55 27.17
CA SER A 275 23.05 -13.60 28.29
C SER A 275 23.19 -14.32 29.64
N ASN A 276 23.04 -15.67 29.62
CA ASN A 276 23.05 -16.62 30.74
C ASN A 276 21.74 -16.55 31.55
N MET A 277 20.69 -16.00 30.93
CA MET A 277 19.36 -15.93 31.52
C MET A 277 18.59 -17.14 31.03
N THR A 278 17.51 -17.47 31.73
CA THR A 278 16.59 -18.51 31.30
C THR A 278 15.41 -17.71 30.71
N SER A 279 14.52 -18.37 29.97
CA SER A 279 13.33 -17.73 29.39
C SER A 279 12.48 -17.10 30.50
N GLN A 280 12.34 -17.83 31.61
CA GLN A 280 11.59 -17.44 32.81
C GLN A 280 12.23 -16.25 33.54
N GLU A 281 13.58 -16.20 33.60
CA GLU A 281 14.34 -15.11 34.24
C GLU A 281 14.15 -13.80 33.44
N PHE A 282 14.28 -13.88 32.09
CA PHE A 282 14.04 -12.73 31.20
C PHE A 282 12.64 -12.11 31.46
N VAL A 283 11.59 -12.94 31.53
CA VAL A 283 10.19 -12.52 31.80
C VAL A 283 10.10 -11.75 33.14
N GLU A 284 10.69 -12.32 34.23
CA GLU A 284 10.73 -11.72 35.58
C GLU A 284 11.47 -10.38 35.55
N LYS A 285 12.63 -10.33 34.87
CA LYS A 285 13.44 -9.11 34.74
C LYS A 285 12.69 -7.99 34.01
N LEU A 286 12.03 -8.33 32.89
CA LEU A 286 11.26 -7.39 32.07
C LEU A 286 10.04 -6.84 32.80
N THR A 287 9.30 -7.71 33.53
CA THR A 287 8.12 -7.35 34.34
C THR A 287 8.47 -6.24 35.38
N LYS A 288 9.68 -6.32 36.00
CA LYS A 288 10.16 -5.33 36.98
C LYS A 288 10.33 -3.91 36.40
N ARG A 289 10.86 -3.81 35.14
CA ARG A 289 11.10 -2.54 34.44
C ARG A 289 9.79 -1.87 34.02
N LEU A 290 8.73 -2.68 33.84
CA LEU A 290 7.44 -2.18 33.39
C LEU A 290 6.58 -1.51 34.48
N LYS A 291 6.03 -0.33 34.11
CA LYS A 291 5.16 0.49 34.95
C LYS A 291 3.80 -0.18 35.14
N ARG A 292 3.36 -0.95 34.14
CA ARG A 292 2.10 -1.69 34.12
C ARG A 292 2.33 -3.18 33.98
N HIS A 293 1.25 -3.95 34.22
CA HIS A 293 1.19 -5.39 34.18
C HIS A 293 1.45 -5.92 32.74
N PRO A 294 2.12 -7.09 32.55
CA PRO A 294 2.39 -7.59 31.19
C PRO A 294 1.21 -7.65 30.21
N GLU A 295 0.00 -7.94 30.72
CA GLU A 295 -1.27 -8.03 30.02
C GLU A 295 -1.66 -6.68 29.43
N GLU A 296 -1.34 -5.59 30.16
CA GLU A 296 -1.59 -4.21 29.76
C GLU A 296 -0.52 -3.68 28.83
N THR A 297 0.65 -4.37 28.77
CA THR A 297 1.81 -3.96 27.98
C THR A 297 1.85 -4.56 26.56
N GLY A 298 1.82 -3.66 25.58
CA GLY A 298 1.90 -4.01 24.16
C GLY A 298 3.27 -4.55 23.81
N GLY A 299 3.27 -5.60 23.02
CA GLY A 299 4.49 -6.26 22.54
C GLY A 299 5.24 -7.07 23.57
N PHE A 300 4.53 -7.52 24.65
CA PHE A 300 5.15 -8.33 25.72
C PHE A 300 5.62 -9.67 25.19
N GLN A 301 4.82 -10.28 24.31
CA GLN A 301 5.18 -11.56 23.72
C GLN A 301 6.29 -11.48 22.70
N GLU A 302 6.45 -10.30 22.06
CA GLU A 302 7.50 -10.06 21.08
C GLU A 302 8.78 -9.54 21.73
N ALA A 303 8.69 -9.06 23.01
CA ALA A 303 9.85 -8.53 23.75
C ALA A 303 11.13 -9.41 23.67
N PRO A 304 11.07 -10.77 23.73
CA PRO A 304 12.32 -11.55 23.56
C PRO A 304 13.02 -11.39 22.20
N LEU A 305 12.25 -11.07 21.13
CA LEU A 305 12.79 -10.86 19.77
C LEU A 305 13.56 -9.56 19.72
N ALA A 306 13.09 -8.55 20.48
CA ALA A 306 13.73 -7.23 20.57
C ALA A 306 15.04 -7.35 21.35
N TYR A 307 15.03 -8.17 22.42
CA TYR A 307 16.20 -8.46 23.24
C TYR A 307 17.23 -9.16 22.36
N ASP A 308 16.78 -10.19 21.60
CA ASP A 308 17.63 -10.96 20.69
C ASP A 308 18.15 -10.19 19.51
N ALA A 309 17.43 -9.14 19.08
CA ALA A 309 17.87 -8.28 17.98
C ALA A 309 19.14 -7.54 18.38
N ILE A 310 19.20 -7.02 19.62
CA ILE A 310 20.39 -6.33 20.14
C ILE A 310 21.60 -7.26 20.18
N TRP A 311 21.43 -8.53 20.64
CA TRP A 311 22.51 -9.51 20.69
C TRP A 311 22.99 -9.87 19.31
N ALA A 312 22.05 -10.02 18.33
CA ALA A 312 22.39 -10.34 16.94
C ALA A 312 23.29 -9.26 16.38
N LEU A 313 22.95 -7.98 16.59
CA LEU A 313 23.75 -6.86 16.14
C LEU A 313 25.12 -6.81 16.89
N ALA A 314 25.09 -6.93 18.23
CA ALA A 314 26.29 -6.92 19.08
C ALA A 314 27.30 -8.00 18.62
N LEU A 315 26.83 -9.24 18.40
CA LEU A 315 27.64 -10.35 17.91
C LEU A 315 28.15 -10.14 16.49
N ALA A 316 27.34 -9.48 15.62
CA ALA A 316 27.72 -9.17 14.24
C ALA A 316 28.82 -8.11 14.24
N LEU A 317 28.65 -7.08 15.08
CA LEU A 317 29.62 -5.99 15.26
C LEU A 317 30.92 -6.53 15.86
N ASN A 318 30.83 -7.57 16.70
CA ASN A 318 32.00 -8.20 17.30
C ASN A 318 32.83 -8.99 16.28
N LYS A 319 32.15 -9.61 15.30
CA LYS A 319 32.78 -10.36 14.21
C LYS A 319 33.59 -9.43 13.31
N THR A 320 33.03 -8.25 12.99
CA THR A 320 33.66 -7.22 12.17
C THR A 320 34.70 -6.45 13.00
N SER A 321 34.38 -6.23 14.30
CA SER A 321 35.13 -5.51 15.33
C SER A 321 35.42 -4.09 14.96
N ARG A 330 37.76 1.91 12.35
CA ARG A 330 36.73 0.87 12.21
C ARG A 330 35.26 1.38 12.32
N LEU A 331 34.50 0.95 13.37
CA LEU A 331 33.07 1.27 13.57
C LEU A 331 32.77 2.77 13.61
N GLU A 332 33.63 3.56 14.28
CA GLU A 332 33.57 5.02 14.38
C GLU A 332 33.74 5.74 13.05
N ASP A 333 34.36 5.08 12.05
CA ASP A 333 34.57 5.64 10.70
C ASP A 333 33.37 5.45 9.74
N PHE A 334 32.25 4.85 10.22
CA PHE A 334 31.04 4.64 9.42
C PHE A 334 30.46 5.96 8.93
N ASN A 335 30.19 6.02 7.62
CA ASN A 335 29.60 7.16 6.93
C ASN A 335 28.47 6.64 6.03
N TYR A 336 27.39 7.42 5.92
CA TYR A 336 26.22 7.12 5.07
C TYR A 336 26.55 6.99 3.56
N ASN A 337 27.65 7.60 3.11
CA ASN A 337 28.07 7.55 1.70
C ASN A 337 28.96 6.35 1.37
N ASN A 338 29.28 5.49 2.35
CA ASN A 338 30.15 4.34 2.16
C ASN A 338 29.54 2.96 2.46
N GLN A 339 29.60 2.06 1.47
CA GLN A 339 29.13 0.66 1.46
C GLN A 339 30.05 -0.30 2.26
N THR A 340 31.35 0.01 2.34
CA THR A 340 32.39 -0.83 2.96
C THR A 340 32.02 -1.50 4.26
N ILE A 341 31.84 -0.71 5.34
CA ILE A 341 31.44 -1.22 6.66
C ILE A 341 30.08 -1.94 6.63
N THR A 342 29.09 -1.39 5.86
CA THR A 342 27.73 -1.95 5.72
C THR A 342 27.80 -3.40 5.25
N ASP A 343 28.55 -3.65 4.14
CA ASP A 343 28.72 -4.95 3.51
C ASP A 343 29.33 -5.97 4.47
N GLN A 344 30.23 -5.51 5.35
CA GLN A 344 30.87 -6.32 6.39
C GLN A 344 29.87 -6.70 7.50
N ILE A 345 29.05 -5.73 7.98
CA ILE A 345 28.01 -5.97 8.99
C ILE A 345 26.98 -6.94 8.40
N TYR A 346 26.60 -6.72 7.13
CA TYR A 346 25.66 -7.55 6.38
C TYR A 346 26.12 -9.01 6.43
N ARG A 347 27.38 -9.27 6.02
CA ARG A 347 27.96 -10.63 5.98
C ARG A 347 27.97 -11.26 7.37
N ALA A 348 28.31 -10.45 8.39
CA ALA A 348 28.31 -10.91 9.78
C ALA A 348 26.89 -11.21 10.28
N MET A 349 25.88 -10.39 9.89
CA MET A 349 24.49 -10.59 10.28
C MET A 349 23.93 -11.83 9.59
N ASN A 350 24.31 -12.02 8.31
CA ASN A 350 23.84 -13.15 7.50
C ASN A 350 24.33 -14.49 8.05
N SER A 351 25.49 -14.47 8.72
CA SER A 351 26.13 -15.64 9.31
C SER A 351 25.79 -15.81 10.81
N SER A 352 24.79 -15.07 11.32
CA SER A 352 24.36 -15.15 12.71
C SER A 352 23.91 -16.57 13.06
N SER A 353 24.36 -17.07 14.21
CA SER A 353 24.01 -18.35 14.78
C SER A 353 24.32 -18.32 16.27
N PHE A 354 23.29 -18.14 17.09
CA PHE A 354 23.45 -18.08 18.55
C PHE A 354 22.15 -18.40 19.23
N GLU A 355 22.23 -18.68 20.53
CA GLU A 355 21.08 -18.98 21.36
C GLU A 355 20.63 -17.71 22.08
N GLY A 356 19.38 -17.33 21.87
CA GLY A 356 18.79 -16.14 22.50
C GLY A 356 17.66 -16.51 23.44
N VAL A 357 17.06 -15.50 24.08
CA VAL A 357 15.92 -15.76 24.96
C VAL A 357 14.68 -16.31 24.20
N SER A 358 14.58 -16.04 22.88
CA SER A 358 13.47 -16.49 22.00
C SER A 358 13.75 -17.86 21.37
N GLY A 359 14.98 -18.34 21.53
CA GLY A 359 15.47 -19.61 21.01
C GLY A 359 16.68 -19.40 20.12
N HIS A 360 16.96 -20.38 19.26
CA HIS A 360 18.09 -20.31 18.34
C HIS A 360 17.84 -19.26 17.25
N VAL A 361 18.77 -18.30 17.13
CA VAL A 361 18.66 -17.19 16.19
C VAL A 361 19.50 -17.42 14.95
N VAL A 362 18.81 -17.53 13.79
CA VAL A 362 19.36 -17.67 12.44
C VAL A 362 18.46 -16.95 11.47
N PHE A 363 19.05 -16.39 10.39
CA PHE A 363 18.28 -15.71 9.35
C PHE A 363 18.41 -16.51 8.05
N ASP A 364 17.34 -16.52 7.22
CA ASP A 364 17.35 -17.18 5.89
C ASP A 364 18.02 -16.22 4.89
N ALA A 365 18.02 -16.55 3.58
CA ALA A 365 18.64 -15.71 2.54
C ALA A 365 17.97 -14.31 2.42
N SER A 366 16.66 -14.23 2.72
CA SER A 366 15.85 -13.00 2.69
C SER A 366 16.07 -12.08 3.93
N GLY A 367 16.76 -12.58 4.95
CA GLY A 367 17.04 -11.85 6.18
C GLY A 367 16.00 -12.09 7.25
N SER A 368 15.09 -13.02 6.99
CA SER A 368 13.98 -13.36 7.86
C SER A 368 14.33 -14.47 8.86
N ARG A 369 13.98 -14.25 10.13
CA ARG A 369 14.25 -15.18 11.23
C ARG A 369 13.61 -16.56 11.08
N MET A 370 14.39 -17.61 11.35
CA MET A 370 13.91 -19.00 11.34
C MET A 370 13.66 -19.41 12.79
N ALA A 371 12.45 -19.88 13.07
CA ALA A 371 12.04 -20.25 14.42
C ALA A 371 11.17 -21.51 14.47
N TRP A 372 10.96 -22.03 15.69
CA TRP A 372 10.05 -23.15 15.96
C TRP A 372 8.60 -22.63 15.88
N THR A 373 7.65 -23.54 15.64
CA THR A 373 6.22 -23.23 15.67
C THR A 373 5.56 -24.11 16.72
N LEU A 374 4.61 -23.56 17.47
CA LEU A 374 3.83 -24.30 18.45
C LEU A 374 2.52 -24.72 17.78
N ILE A 375 2.26 -26.03 17.79
CA ILE A 375 1.05 -26.63 17.23
C ILE A 375 0.10 -26.97 18.36
N GLU A 376 -1.14 -26.49 18.25
CA GLU A 376 -2.15 -26.73 19.27
C GLU A 376 -3.45 -27.20 18.65
N GLN A 377 -4.30 -27.83 19.47
CA GLN A 377 -5.63 -28.30 19.09
C GLN A 377 -6.61 -27.91 20.19
N LEU A 378 -7.79 -27.41 19.81
CA LEU A 378 -8.82 -27.05 20.76
C LEU A 378 -9.63 -28.33 21.17
N GLN A 379 -9.41 -28.77 22.42
CA GLN A 379 -10.03 -29.96 23.00
C GLN A 379 -10.87 -29.57 24.21
N GLY A 380 -12.20 -29.55 24.01
CA GLY A 380 -13.16 -29.19 25.03
C GLY A 380 -13.12 -27.74 25.48
N GLY A 381 -13.09 -26.84 24.48
CA GLY A 381 -13.07 -25.40 24.71
C GLY A 381 -11.78 -24.87 25.28
N SER A 382 -10.69 -25.65 25.16
CA SER A 382 -9.35 -25.30 25.64
C SER A 382 -8.28 -25.80 24.69
N TYR A 383 -7.23 -24.99 24.46
CA TYR A 383 -6.13 -25.38 23.59
C TYR A 383 -5.18 -26.29 24.35
N LYS A 384 -4.75 -27.36 23.68
CA LYS A 384 -3.81 -28.35 24.23
C LYS A 384 -2.62 -28.46 23.27
N LYS A 385 -1.40 -28.38 23.81
CA LYS A 385 -0.16 -28.46 23.04
C LYS A 385 0.03 -29.87 22.49
N ILE A 386 -0.09 -29.99 21.15
CA ILE A 386 0.04 -31.25 20.43
C ILE A 386 1.43 -31.43 19.76
N GLY A 387 2.27 -30.40 19.82
CA GLY A 387 3.62 -30.46 19.25
C GLY A 387 4.29 -29.16 18.84
N TYR A 388 5.52 -29.29 18.31
CA TYR A 388 6.38 -28.21 17.84
C TYR A 388 7.05 -28.63 16.54
N TYR A 389 7.24 -27.69 15.58
CA TYR A 389 7.93 -27.98 14.33
C TYR A 389 9.07 -27.00 14.01
N ASP A 390 10.24 -27.56 13.64
CA ASP A 390 11.46 -26.86 13.22
C ASP A 390 11.64 -27.05 11.70
N SER A 391 11.28 -26.01 10.94
CA SER A 391 11.33 -25.91 9.48
C SER A 391 12.72 -26.17 8.89
N THR A 392 13.78 -25.67 9.55
CA THR A 392 15.17 -25.81 9.08
C THR A 392 15.72 -27.23 9.17
N LYS A 393 15.62 -27.86 10.35
CA LYS A 393 16.12 -29.21 10.62
C LYS A 393 15.10 -30.32 10.28
N ASP A 394 13.86 -29.94 9.87
CA ASP A 394 12.77 -30.85 9.54
C ASP A 394 12.44 -31.84 10.68
N ASP A 395 12.38 -31.33 11.93
CA ASP A 395 12.06 -32.17 13.08
C ASP A 395 10.82 -31.78 13.85
N LEU A 396 9.87 -32.73 13.92
CA LEU A 396 8.60 -32.58 14.59
C LEU A 396 8.60 -33.28 15.95
N SER A 397 8.34 -32.52 17.01
CA SER A 397 8.23 -33.05 18.37
C SER A 397 6.75 -33.37 18.55
N TRP A 398 6.41 -34.66 18.67
CA TRP A 398 5.01 -35.04 18.85
C TRP A 398 4.70 -35.37 20.30
N SER A 399 3.63 -34.74 20.83
CA SER A 399 3.18 -34.90 22.22
C SER A 399 2.29 -36.13 22.45
N LYS A 400 1.55 -36.58 21.39
CA LYS A 400 0.58 -37.67 21.38
C LYS A 400 -0.64 -37.25 22.22
N THR A 401 -0.98 -35.95 22.14
CA THR A 401 -2.06 -35.27 22.87
C THR A 401 -3.27 -35.00 21.96
N ASP A 402 -3.09 -35.10 20.63
CA ASP A 402 -4.15 -34.86 19.64
C ASP A 402 -5.27 -35.91 19.67
N LYS A 403 -6.51 -35.45 19.43
CA LYS A 403 -7.71 -36.30 19.47
C LYS A 403 -8.63 -36.02 18.30
N TRP A 404 -9.31 -37.08 17.83
CA TRP A 404 -10.26 -37.04 16.71
C TRP A 404 -11.45 -37.92 17.09
N ILE A 405 -12.65 -37.64 16.52
CA ILE A 405 -13.86 -38.42 16.80
C ILE A 405 -13.75 -39.87 16.30
N GLY A 406 -13.26 -40.04 15.07
CA GLY A 406 -13.05 -41.36 14.48
C GLY A 406 -11.98 -42.19 15.15
N GLY A 407 -11.21 -41.57 16.05
CA GLY A 407 -10.09 -42.19 16.76
C GLY A 407 -8.80 -42.00 15.98
N SER A 408 -8.93 -41.40 14.78
CA SER A 408 -7.89 -41.09 13.82
C SER A 408 -8.37 -39.89 12.97
N PRO A 409 -7.45 -39.04 12.45
CA PRO A 409 -7.90 -37.89 11.64
C PRO A 409 -8.76 -38.28 10.43
N PRO A 410 -9.70 -37.41 9.98
CA PRO A 410 -10.52 -37.77 8.81
C PRO A 410 -9.72 -37.73 7.50
N ALA A 411 -10.45 -37.62 6.38
CA ALA A 411 -9.83 -37.53 5.07
C ALA A 411 -10.29 -36.30 4.30
N ASP A 412 -9.48 -35.87 3.32
CA ASP A 412 -9.68 -34.73 2.45
C ASP A 412 -10.89 -34.84 1.51
N ASP A 413 -11.39 -36.07 1.27
CA ASP A 413 -12.51 -36.31 0.34
C ASP A 413 -13.67 -37.19 0.86
N TYR A 414 -14.61 -37.51 -0.07
CA TYR A 414 -15.86 -38.27 0.06
C TYR A 414 -15.88 -39.56 0.87
N LYS A 415 -14.85 -40.41 0.68
CA LYS A 415 -14.66 -41.75 1.28
C LYS A 415 -15.16 -41.89 2.74
N SER B 12 13.59 41.57 -3.27
CA SER B 12 12.32 41.06 -2.75
C SER B 12 12.51 39.80 -1.89
N PRO B 13 11.84 39.68 -0.71
CA PRO B 13 11.97 38.44 0.07
C PRO B 13 11.37 37.24 -0.70
N PRO B 14 12.01 36.05 -0.66
CA PRO B 14 11.45 34.91 -1.41
C PRO B 14 10.39 34.12 -0.65
N LEU B 15 9.41 33.59 -1.39
CA LEU B 15 8.39 32.70 -0.85
C LEU B 15 8.78 31.34 -1.45
N SER B 16 9.52 30.53 -0.66
CA SER B 16 10.06 29.27 -1.15
C SER B 16 9.05 28.14 -1.26
N ILE B 17 9.08 27.46 -2.42
CA ILE B 17 8.22 26.32 -2.72
C ILE B 17 9.08 25.12 -3.12
N MET B 18 8.78 23.96 -2.52
CA MET B 18 9.52 22.73 -2.80
C MET B 18 8.92 21.97 -4.01
N GLY B 19 9.60 22.08 -5.15
CA GLY B 19 9.24 21.38 -6.38
C GLY B 19 9.77 19.97 -6.37
N LEU B 20 8.87 18.97 -6.37
CA LEU B 20 9.20 17.54 -6.31
C LEU B 20 8.66 16.83 -7.53
N MET B 21 9.58 16.34 -8.39
CA MET B 21 9.19 15.66 -9.62
C MET B 21 10.35 14.94 -10.29
N PRO B 22 10.08 13.90 -11.11
CA PRO B 22 11.17 13.26 -11.87
C PRO B 22 11.54 14.18 -13.04
N LEU B 23 12.83 14.48 -13.18
CA LEU B 23 13.35 15.41 -14.18
C LEU B 23 14.40 14.81 -15.07
N THR B 24 15.05 13.75 -14.62
CA THR B 24 16.12 13.08 -15.35
C THR B 24 15.62 12.27 -16.53
N LYS B 25 16.41 12.29 -17.63
CA LYS B 25 16.16 11.59 -18.89
C LYS B 25 16.28 10.07 -18.71
N GLU B 26 17.05 9.62 -17.69
CA GLU B 26 17.25 8.21 -17.33
C GLU B 26 15.96 7.54 -16.83
N VAL B 27 15.02 8.35 -16.28
CA VAL B 27 13.74 7.90 -15.77
C VAL B 27 12.66 8.27 -16.79
N ALA B 28 11.82 7.30 -17.16
CA ALA B 28 10.75 7.44 -18.15
C ALA B 28 9.75 8.55 -17.83
N LYS B 29 9.33 8.65 -16.53
CA LYS B 29 8.38 9.67 -16.06
C LYS B 29 8.97 11.08 -15.94
N GLY B 30 10.29 11.19 -16.22
CA GLY B 30 11.03 12.44 -16.28
C GLY B 30 10.50 13.36 -17.37
N SER B 31 9.77 12.76 -18.36
CA SER B 31 9.11 13.48 -19.47
C SER B 31 7.91 14.31 -18.99
N ILE B 32 7.28 13.89 -17.86
CA ILE B 32 6.16 14.64 -17.28
C ILE B 32 6.73 15.89 -16.63
N GLY B 33 7.73 15.71 -15.76
CA GLY B 33 8.42 16.78 -15.05
C GLY B 33 9.02 17.80 -16.01
N ARG B 34 9.68 17.33 -17.07
CA ARG B 34 10.26 18.21 -18.10
C ARG B 34 9.24 18.85 -19.03
N GLY B 35 8.19 18.10 -19.37
CA GLY B 35 7.10 18.55 -20.22
C GLY B 35 6.25 19.65 -19.61
N VAL B 36 6.22 19.72 -18.27
CA VAL B 36 5.45 20.74 -17.54
C VAL B 36 6.25 21.99 -17.15
N LEU B 37 7.58 21.91 -17.09
CA LEU B 37 8.43 23.07 -16.70
C LEU B 37 8.23 24.33 -17.56
N PRO B 38 8.07 24.26 -18.91
CA PRO B 38 7.82 25.50 -19.67
C PRO B 38 6.54 26.21 -19.21
N ALA B 39 5.49 25.41 -18.89
CA ALA B 39 4.19 25.90 -18.39
C ALA B 39 4.40 26.56 -17.03
N VAL B 40 5.18 25.90 -16.14
CA VAL B 40 5.54 26.38 -14.80
C VAL B 40 6.29 27.74 -14.93
N GLU B 41 7.28 27.80 -15.87
CA GLU B 41 8.09 28.99 -16.19
C GLU B 41 7.20 30.14 -16.61
N LEU B 42 6.20 29.86 -17.44
CA LEU B 42 5.23 30.84 -17.91
C LEU B 42 4.42 31.47 -16.80
N ALA B 43 3.86 30.65 -15.87
CA ALA B 43 3.06 31.17 -14.76
C ALA B 43 3.93 31.98 -13.77
N ILE B 44 5.13 31.46 -13.43
CA ILE B 44 6.10 32.13 -12.55
C ILE B 44 6.53 33.52 -13.10
N GLU B 45 6.89 33.58 -14.40
CA GLU B 45 7.26 34.82 -15.12
C GLU B 45 6.18 35.91 -15.04
N GLN B 46 4.91 35.55 -15.32
CA GLN B 46 3.79 36.49 -15.29
C GLN B 46 3.51 37.01 -13.89
N ILE B 47 3.47 36.10 -12.89
CA ILE B 47 3.20 36.43 -11.48
C ILE B 47 4.26 37.43 -10.96
N ARG B 48 5.52 37.25 -11.37
CA ARG B 48 6.64 38.10 -11.01
C ARG B 48 6.55 39.48 -11.67
N ASN B 49 6.16 39.54 -12.97
CA ASN B 49 5.98 40.76 -13.76
C ASN B 49 4.85 41.63 -13.17
N GLU B 50 3.66 41.02 -12.95
CA GLU B 50 2.47 41.67 -12.41
C GLU B 50 2.66 42.09 -10.95
N SER B 51 3.72 41.55 -10.28
CA SER B 51 4.05 41.78 -8.86
C SER B 51 2.85 41.44 -7.98
N LEU B 52 2.17 40.33 -8.33
CA LEU B 52 0.98 39.82 -7.65
C LEU B 52 1.26 39.52 -6.18
N LEU B 53 2.49 39.02 -5.89
CA LEU B 53 2.92 38.67 -4.53
C LEU B 53 3.70 39.78 -3.80
N ARG B 54 3.74 41.00 -4.39
CA ARG B 54 4.41 42.18 -3.83
C ARG B 54 4.09 42.34 -2.33
N PRO B 55 5.10 42.56 -1.43
CA PRO B 55 6.53 42.81 -1.69
C PRO B 55 7.38 41.60 -2.11
N TYR B 56 6.87 40.40 -1.82
CA TYR B 56 7.53 39.11 -2.05
C TYR B 56 7.58 38.66 -3.52
N PHE B 57 8.29 37.53 -3.77
CA PHE B 57 8.38 36.86 -5.06
C PHE B 57 8.42 35.31 -4.86
N LEU B 58 7.74 34.59 -5.76
CA LEU B 58 7.64 33.13 -5.73
C LEU B 58 8.96 32.45 -6.08
N ASP B 59 9.55 31.75 -5.09
CA ASP B 59 10.82 31.05 -5.23
C ASP B 59 10.63 29.51 -5.32
N LEU B 60 10.46 29.01 -6.55
CA LEU B 60 10.31 27.57 -6.76
C LEU B 60 11.67 26.89 -6.91
N ARG B 61 11.99 26.00 -5.96
CA ARG B 61 13.25 25.23 -5.98
C ARG B 61 12.90 23.84 -6.48
N LEU B 62 13.67 23.32 -7.45
CA LEU B 62 13.40 22.00 -8.03
C LEU B 62 14.30 20.90 -7.49
N TYR B 63 13.71 19.76 -7.10
CA TYR B 63 14.41 18.59 -6.57
C TYR B 63 13.89 17.34 -7.28
N ASP B 64 14.82 16.59 -7.90
CA ASP B 64 14.55 15.39 -8.70
C ASP B 64 14.21 14.16 -7.83
N THR B 65 12.99 13.65 -7.94
CA THR B 65 12.58 12.47 -7.17
C THR B 65 13.08 11.16 -7.84
N GLU B 66 13.33 11.22 -9.18
CA GLU B 66 13.75 10.11 -10.04
C GLU B 66 12.70 8.99 -10.09
N CYS B 67 11.45 9.26 -9.66
CA CYS B 67 10.34 8.29 -9.68
C CYS B 67 10.72 7.04 -8.86
N ASP B 68 11.49 7.25 -7.79
CA ASP B 68 11.95 6.17 -6.94
C ASP B 68 11.63 6.50 -5.50
N ASN B 69 11.15 5.50 -4.74
CA ASN B 69 10.76 5.68 -3.34
C ASN B 69 11.92 6.17 -2.46
N ALA B 70 13.10 5.54 -2.54
CA ALA B 70 14.29 5.87 -1.74
C ALA B 70 14.92 7.18 -2.17
N LYS B 71 15.13 7.38 -3.49
CA LYS B 71 15.68 8.60 -4.08
C LYS B 71 14.74 9.80 -3.90
N GLY B 72 13.43 9.55 -4.06
CA GLY B 72 12.39 10.56 -3.85
C GLY B 72 12.32 11.05 -2.42
N LEU B 73 12.45 10.11 -1.43
CA LEU B 73 12.46 10.43 0.01
C LEU B 73 13.72 11.21 0.37
N LYS B 74 14.89 10.74 -0.09
CA LYS B 74 16.15 11.46 0.15
C LYS B 74 16.10 12.88 -0.48
N ALA B 75 15.44 13.05 -1.65
CA ALA B 75 15.32 14.34 -2.34
C ALA B 75 14.52 15.32 -1.48
N PHE B 76 13.46 14.79 -0.83
CA PHE B 76 12.60 15.52 0.09
C PHE B 76 13.38 15.90 1.36
N TYR B 77 14.06 14.91 1.98
CA TYR B 77 14.90 15.09 3.17
C TYR B 77 16.03 16.13 2.92
N ASP B 78 16.74 16.00 1.78
CA ASP B 78 17.80 16.94 1.40
C ASP B 78 17.31 18.37 1.19
N ALA B 79 16.07 18.51 0.70
CA ALA B 79 15.43 19.81 0.48
C ALA B 79 15.13 20.48 1.82
N ILE B 80 14.63 19.72 2.82
CA ILE B 80 14.35 20.27 4.16
C ILE B 80 15.66 20.66 4.85
N LYS B 81 16.70 19.81 4.74
CA LYS B 81 17.99 20.01 5.39
C LYS B 81 18.81 21.14 4.79
N TYR B 82 19.09 21.06 3.49
CA TYR B 82 19.99 22.01 2.81
C TYR B 82 19.32 23.12 2.03
N GLY B 83 18.03 22.95 1.77
CA GLY B 83 17.27 23.90 0.98
C GLY B 83 16.76 25.06 1.80
N PRO B 84 16.15 26.07 1.15
CA PRO B 84 15.61 27.19 1.93
C PRO B 84 14.37 26.74 2.68
N ASN B 85 13.80 27.64 3.43
CA ASN B 85 12.61 27.28 4.15
C ASN B 85 11.36 27.37 3.24
N HIS B 86 10.93 26.19 2.76
CA HIS B 86 9.77 26.03 1.88
C HIS B 86 8.47 26.20 2.63
N LEU B 87 7.49 26.90 2.02
CA LEU B 87 6.16 27.15 2.59
C LEU B 87 5.17 26.06 2.19
N MET B 88 5.39 25.47 1.01
CA MET B 88 4.58 24.36 0.50
C MET B 88 5.29 23.51 -0.55
N VAL B 89 4.75 22.32 -0.83
CA VAL B 89 5.24 21.33 -1.79
C VAL B 89 4.45 21.46 -3.08
N PHE B 90 5.17 21.49 -4.22
CA PHE B 90 4.56 21.54 -5.54
C PHE B 90 5.05 20.32 -6.29
N GLY B 91 4.14 19.43 -6.64
CA GLY B 91 4.51 18.24 -7.36
C GLY B 91 4.11 16.92 -6.72
N GLY B 92 4.88 15.89 -7.06
CA GLY B 92 4.59 14.51 -6.74
C GLY B 92 3.89 13.96 -7.96
N VAL B 93 4.58 13.09 -8.72
CA VAL B 93 4.09 12.57 -9.99
C VAL B 93 3.81 11.06 -9.89
N CYS B 94 4.83 10.31 -9.50
CA CYS B 94 4.75 8.88 -9.37
C CYS B 94 3.95 8.51 -8.10
N PRO B 95 2.98 7.57 -8.24
CA PRO B 95 2.07 7.26 -7.12
C PRO B 95 2.67 6.80 -5.78
N SER B 96 3.68 5.93 -5.80
CA SER B 96 4.22 5.42 -4.54
C SER B 96 5.08 6.46 -3.80
N VAL B 97 5.86 7.27 -4.55
CA VAL B 97 6.71 8.37 -4.06
C VAL B 97 5.79 9.46 -3.46
N THR B 98 4.72 9.80 -4.19
CA THR B 98 3.77 10.83 -3.75
C THR B 98 3.07 10.41 -2.48
N SER B 99 2.64 9.12 -2.37
CA SER B 99 2.00 8.56 -1.16
C SER B 99 2.88 8.68 0.07
N ILE B 100 4.17 8.39 -0.07
CA ILE B 100 5.14 8.51 1.02
C ILE B 100 5.27 9.95 1.51
N ILE B 101 5.46 10.90 0.59
CA ILE B 101 5.62 12.32 0.93
C ILE B 101 4.30 12.87 1.48
N ALA B 102 3.17 12.63 0.77
CA ALA B 102 1.84 13.09 1.15
C ALA B 102 1.40 12.63 2.56
N GLU B 103 1.75 11.41 2.97
CA GLU B 103 1.40 10.88 4.31
C GLU B 103 2.18 11.58 5.44
N SER B 104 3.41 12.06 5.13
CA SER B 104 4.27 12.68 6.13
C SER B 104 4.16 14.21 6.29
N LEU B 105 3.43 14.86 5.39
CA LEU B 105 3.30 16.31 5.28
C LEU B 105 3.11 17.08 6.57
N GLN B 106 2.21 16.62 7.45
CA GLN B 106 1.89 17.24 8.74
C GLN B 106 3.12 17.41 9.66
N GLY B 107 4.06 16.45 9.59
CA GLY B 107 5.31 16.48 10.33
C GLY B 107 6.15 17.71 10.06
N TRP B 108 5.95 18.35 8.91
CA TRP B 108 6.67 19.56 8.56
C TRP B 108 5.68 20.70 8.27
N ASN B 109 4.39 20.52 8.63
CA ASN B 109 3.30 21.49 8.41
C ASN B 109 3.30 22.05 6.98
N LEU B 110 3.58 21.15 6.00
CA LEU B 110 3.67 21.49 4.58
C LEU B 110 2.45 21.06 3.81
N VAL B 111 1.78 22.03 3.14
CA VAL B 111 0.63 21.76 2.28
C VAL B 111 1.22 21.34 0.92
N GLN B 112 0.67 20.28 0.31
CA GLN B 112 1.15 19.85 -1.00
C GLN B 112 0.07 19.99 -2.07
N LEU B 113 0.51 20.46 -3.24
CA LEU B 113 -0.32 20.54 -4.43
C LEU B 113 0.38 19.80 -5.57
N SER B 114 -0.22 18.70 -6.01
CA SER B 114 0.25 17.91 -7.14
C SER B 114 -0.52 18.32 -8.41
N PHE B 115 0.09 18.10 -9.59
CA PHE B 115 -0.53 18.40 -10.87
C PHE B 115 -0.66 17.16 -11.76
N ALA B 116 -0.04 16.02 -11.35
CA ALA B 116 0.02 14.77 -12.11
C ALA B 116 -0.26 13.45 -11.35
N ALA B 117 -0.31 13.46 -10.00
CA ALA B 117 -0.57 12.21 -9.26
C ALA B 117 -2.10 11.99 -9.24
N THR B 118 -2.57 10.97 -9.98
CA THR B 118 -4.00 10.68 -10.20
C THR B 118 -4.54 9.48 -9.40
N THR B 119 -3.68 8.83 -8.61
CA THR B 119 -4.06 7.68 -7.80
C THR B 119 -5.19 8.03 -6.80
N PRO B 120 -6.33 7.30 -6.86
CA PRO B 120 -7.48 7.59 -5.96
C PRO B 120 -7.17 7.53 -4.46
N VAL B 121 -6.21 6.67 -4.06
CA VAL B 121 -5.69 6.46 -2.71
C VAL B 121 -5.52 7.80 -1.96
N LEU B 122 -4.93 8.82 -2.66
CA LEU B 122 -4.64 10.16 -2.15
C LEU B 122 -5.85 11.00 -1.69
N ALA B 123 -7.08 10.60 -2.10
CA ALA B 123 -8.33 11.27 -1.69
C ALA B 123 -8.66 10.96 -0.21
N ASP B 124 -7.94 10.03 0.43
CA ASP B 124 -8.15 9.69 1.83
C ASP B 124 -7.53 10.78 2.71
N LYS B 125 -8.36 11.70 3.21
CA LYS B 125 -7.91 12.82 4.03
C LYS B 125 -7.58 12.44 5.48
N LYS B 126 -7.81 11.18 5.88
CA LYS B 126 -7.43 10.69 7.21
C LYS B 126 -5.93 10.39 7.16
N LYS B 127 -5.48 9.83 6.03
CA LYS B 127 -4.10 9.48 5.72
C LYS B 127 -3.35 10.68 5.10
N TYR B 128 -4.03 11.44 4.19
CA TYR B 128 -3.38 12.54 3.46
C TYR B 128 -4.06 13.90 3.64
N PRO B 129 -4.18 14.44 4.88
CA PRO B 129 -4.90 15.72 5.07
C PRO B 129 -4.30 16.98 4.44
N TYR B 130 -2.97 17.01 4.25
CA TYR B 130 -2.30 18.21 3.71
C TYR B 130 -2.09 18.18 2.21
N PHE B 131 -2.62 17.17 1.55
CA PHE B 131 -2.50 16.92 0.12
C PHE B 131 -3.71 17.41 -0.69
N PHE B 132 -3.39 18.14 -1.77
CA PHE B 132 -4.31 18.69 -2.78
C PHE B 132 -3.77 18.37 -4.18
N ARG B 133 -4.66 18.28 -5.16
CA ARG B 133 -4.27 18.07 -6.55
C ARG B 133 -5.17 18.84 -7.53
N THR B 134 -4.56 19.51 -8.53
CA THR B 134 -5.30 20.23 -9.59
C THR B 134 -5.85 19.28 -10.65
N VAL B 135 -5.30 18.05 -10.72
CA VAL B 135 -5.70 17.05 -11.69
C VAL B 135 -6.79 16.10 -11.15
N PRO B 136 -7.84 15.78 -11.93
CA PRO B 136 -8.84 14.83 -11.43
C PRO B 136 -8.18 13.44 -11.29
N SER B 137 -8.60 12.66 -10.29
CA SER B 137 -8.05 11.33 -10.06
C SER B 137 -8.63 10.32 -11.08
N ASP B 138 -8.06 9.09 -11.12
CA ASP B 138 -8.55 8.01 -11.99
C ASP B 138 -10.03 7.67 -11.76
N ASN B 139 -10.54 7.91 -10.55
CA ASN B 139 -11.94 7.67 -10.18
C ASN B 139 -12.90 8.73 -10.72
N ALA B 140 -12.40 9.94 -11.05
CA ALA B 140 -13.20 11.06 -11.55
C ALA B 140 -13.97 10.79 -12.85
N VAL B 141 -13.62 9.70 -13.57
CA VAL B 141 -14.32 9.24 -14.77
C VAL B 141 -15.70 8.62 -14.40
N ASN B 142 -15.84 8.08 -13.17
CA ASN B 142 -17.07 7.42 -12.69
C ASN B 142 -18.34 8.31 -12.63
N PRO B 143 -18.35 9.51 -11.98
CA PRO B 143 -19.57 10.36 -12.05
C PRO B 143 -19.87 10.83 -13.49
N ALA B 144 -18.83 10.90 -14.36
CA ALA B 144 -18.99 11.24 -15.78
C ALA B 144 -19.72 10.09 -16.53
N ILE B 145 -19.28 8.83 -16.31
CA ILE B 145 -19.88 7.63 -16.95
C ILE B 145 -21.36 7.50 -16.53
N LEU B 146 -21.68 7.74 -15.24
CA LEU B 146 -23.04 7.69 -14.71
C LEU B 146 -23.94 8.66 -15.52
N LYS B 147 -23.48 9.89 -15.74
CA LYS B 147 -24.17 10.90 -16.55
C LYS B 147 -24.42 10.43 -17.99
N LEU B 148 -23.41 9.74 -18.61
CA LEU B 148 -23.51 9.19 -19.96
C LEU B 148 -24.56 8.09 -20.05
N LEU B 149 -24.59 7.19 -19.03
CA LEU B 149 -25.54 6.09 -18.91
C LEU B 149 -26.99 6.65 -18.78
N LYS B 150 -27.18 7.65 -17.91
CA LYS B 150 -28.47 8.34 -17.68
C LYS B 150 -28.94 9.01 -18.97
N HIS B 151 -28.01 9.68 -19.70
CA HIS B 151 -28.31 10.37 -20.96
C HIS B 151 -28.86 9.43 -22.04
N TYR B 152 -28.28 8.21 -22.17
CA TYR B 152 -28.68 7.23 -23.17
C TYR B 152 -29.67 6.17 -22.71
N GLN B 153 -30.14 6.29 -21.45
CA GLN B 153 -31.12 5.40 -20.79
C GLN B 153 -30.59 3.96 -20.62
N TRP B 154 -29.27 3.84 -20.32
CA TRP B 154 -28.60 2.56 -20.10
C TRP B 154 -28.70 2.27 -18.63
N LYS B 155 -29.59 1.34 -18.26
CA LYS B 155 -29.88 0.97 -16.87
C LYS B 155 -29.22 -0.34 -16.44
N ARG B 156 -28.67 -1.09 -17.41
CA ARG B 156 -28.02 -2.36 -17.16
C ARG B 156 -26.64 -2.34 -17.80
N VAL B 157 -25.60 -2.63 -17.02
CA VAL B 157 -24.21 -2.64 -17.48
C VAL B 157 -23.47 -3.88 -17.01
N GLY B 158 -22.44 -4.25 -17.75
CA GLY B 158 -21.48 -5.27 -17.39
C GLY B 158 -20.11 -4.62 -17.20
N THR B 159 -19.23 -5.19 -16.38
CA THR B 159 -17.89 -4.65 -16.16
C THR B 159 -16.78 -5.64 -16.51
N LEU B 160 -15.71 -5.12 -17.12
CA LEU B 160 -14.51 -5.86 -17.52
C LEU B 160 -13.27 -5.13 -16.99
N THR B 161 -12.63 -5.72 -15.96
CA THR B 161 -11.50 -5.15 -15.24
C THR B 161 -10.27 -6.04 -15.20
N GLN B 162 -9.12 -5.41 -15.44
CA GLN B 162 -7.82 -6.04 -15.31
C GLN B 162 -7.45 -6.10 -13.81
N ASP B 163 -7.06 -7.29 -13.33
CA ASP B 163 -6.66 -7.51 -11.94
C ASP B 163 -5.29 -6.91 -11.60
N VAL B 164 -5.22 -5.57 -11.64
CA VAL B 164 -4.09 -4.68 -11.33
C VAL B 164 -4.72 -3.51 -10.52
N GLN B 165 -4.05 -3.06 -9.44
CA GLN B 165 -4.54 -2.02 -8.53
C GLN B 165 -5.11 -0.76 -9.19
N ARG B 166 -4.42 -0.25 -10.24
CA ARG B 166 -4.82 0.93 -11.01
C ARG B 166 -6.29 0.82 -11.50
N PHE B 167 -6.69 -0.39 -11.92
CA PHE B 167 -7.99 -0.66 -12.48
C PHE B 167 -9.06 -1.09 -11.49
N SER B 168 -8.69 -1.92 -10.51
CA SER B 168 -9.59 -2.46 -9.47
C SER B 168 -10.05 -1.36 -8.53
N GLU B 169 -9.25 -0.28 -8.38
CA GLU B 169 -9.57 0.92 -7.60
C GLU B 169 -10.73 1.62 -8.29
N VAL B 170 -10.67 1.75 -9.62
CA VAL B 170 -11.70 2.40 -10.43
C VAL B 170 -13.01 1.62 -10.40
N ARG B 171 -12.93 0.30 -10.57
CA ARG B 171 -14.10 -0.59 -10.51
C ARG B 171 -14.75 -0.56 -9.12
N ASN B 172 -13.92 -0.55 -8.05
CA ASN B 172 -14.40 -0.51 -6.66
C ASN B 172 -15.19 0.77 -6.40
N ASP B 173 -14.72 1.91 -6.95
CA ASP B 173 -15.38 3.22 -6.83
C ASP B 173 -16.71 3.27 -7.58
N LEU B 174 -16.78 2.62 -8.76
CA LEU B 174 -17.98 2.57 -9.59
C LEU B 174 -19.21 2.04 -8.81
N THR B 175 -19.00 1.05 -7.91
CA THR B 175 -20.02 0.43 -7.04
C THR B 175 -20.76 1.51 -6.22
N GLY B 176 -20.03 2.35 -5.52
CA GLY B 176 -20.58 3.45 -4.74
C GLY B 176 -21.22 4.55 -5.56
N VAL B 177 -20.71 4.79 -6.79
CA VAL B 177 -21.23 5.82 -7.72
C VAL B 177 -22.60 5.38 -8.29
N LEU B 178 -22.73 4.09 -8.62
CA LEU B 178 -23.96 3.53 -9.19
C LEU B 178 -25.00 3.10 -8.13
N TYR B 179 -24.62 3.15 -6.85
CA TYR B 179 -25.52 2.82 -5.75
C TYR B 179 -26.52 3.95 -5.54
N GLY B 180 -27.78 3.58 -5.32
CA GLY B 180 -28.86 4.54 -5.13
C GLY B 180 -29.28 5.22 -6.42
N GLU B 181 -28.76 4.71 -7.54
CA GLU B 181 -29.05 5.15 -8.91
C GLU B 181 -29.75 3.97 -9.57
N ASP B 182 -30.59 4.24 -10.57
CA ASP B 182 -31.32 3.13 -11.19
C ASP B 182 -30.50 2.41 -12.27
N ILE B 183 -29.30 1.92 -11.87
CA ILE B 183 -28.35 1.23 -12.75
C ILE B 183 -27.90 -0.09 -12.14
N GLU B 184 -28.09 -1.17 -12.90
CA GLU B 184 -27.74 -2.53 -12.49
C GLU B 184 -26.42 -3.03 -13.13
N ILE B 185 -25.51 -3.57 -12.31
CA ILE B 185 -24.27 -4.18 -12.80
C ILE B 185 -24.58 -5.67 -12.81
N SER B 186 -25.18 -6.12 -13.91
CA SER B 186 -25.65 -7.50 -14.11
C SER B 186 -24.53 -8.53 -14.14
N ASP B 187 -23.31 -8.12 -14.58
CA ASP B 187 -22.16 -9.01 -14.68
C ASP B 187 -20.83 -8.29 -14.39
N THR B 188 -20.07 -8.80 -13.41
CA THR B 188 -18.76 -8.28 -13.00
C THR B 188 -17.73 -9.35 -13.34
N GLU B 189 -16.84 -9.03 -14.29
CA GLU B 189 -15.80 -9.95 -14.74
C GLU B 189 -14.39 -9.35 -14.62
N SER B 190 -13.45 -10.17 -14.12
CA SER B 190 -12.03 -9.86 -13.94
C SER B 190 -11.15 -10.80 -14.75
N PHE B 191 -9.93 -10.36 -15.06
CA PHE B 191 -8.91 -11.11 -15.79
C PHE B 191 -7.53 -10.60 -15.41
N SER B 192 -6.50 -11.45 -15.51
CA SER B 192 -5.13 -11.04 -15.21
C SER B 192 -4.30 -10.91 -16.49
N ASN B 193 -4.24 -11.99 -17.29
CA ASN B 193 -3.45 -12.04 -18.53
C ASN B 193 -4.29 -12.15 -19.81
N ASP B 194 -5.42 -12.89 -19.77
CA ASP B 194 -6.27 -13.11 -20.95
C ASP B 194 -7.73 -12.77 -20.69
N PRO B 195 -8.30 -11.79 -21.44
CA PRO B 195 -9.71 -11.40 -21.20
C PRO B 195 -10.77 -12.29 -21.84
N CYS B 196 -10.37 -13.15 -22.78
CA CYS B 196 -11.25 -14.04 -23.55
C CYS B 196 -12.30 -14.85 -22.81
N THR B 197 -11.93 -15.43 -21.66
CA THR B 197 -12.85 -16.20 -20.80
C THR B 197 -13.90 -15.23 -20.22
N SER B 198 -13.45 -14.08 -19.73
CA SER B 198 -14.33 -13.04 -19.17
C SER B 198 -15.27 -12.41 -20.21
N VAL B 199 -14.77 -12.22 -21.45
CA VAL B 199 -15.52 -11.65 -22.58
C VAL B 199 -16.63 -12.64 -23.00
N LYS B 200 -16.32 -13.97 -23.02
CA LYS B 200 -17.28 -15.02 -23.33
C LYS B 200 -18.42 -15.06 -22.28
N LYS B 201 -18.07 -14.89 -20.98
CA LYS B 201 -19.04 -14.86 -19.89
C LYS B 201 -19.99 -13.64 -20.03
N LEU B 202 -19.45 -12.47 -20.44
CA LEU B 202 -20.24 -11.24 -20.63
C LEU B 202 -21.26 -11.44 -21.76
N LYS B 203 -20.82 -12.07 -22.86
CA LYS B 203 -21.65 -12.40 -24.03
C LYS B 203 -22.77 -13.37 -23.63
N GLY B 204 -22.40 -14.39 -22.85
CA GLY B 204 -23.30 -15.41 -22.31
C GLY B 204 -24.38 -14.84 -21.41
N ASN B 205 -24.05 -13.79 -20.63
CA ASN B 205 -25.01 -13.13 -19.75
C ASN B 205 -25.77 -12.00 -20.46
N ASP B 206 -25.58 -11.90 -21.80
CA ASP B 206 -26.19 -10.93 -22.72
C ASP B 206 -25.92 -9.47 -22.38
N VAL B 207 -24.69 -9.17 -21.92
CA VAL B 207 -24.29 -7.79 -21.58
C VAL B 207 -24.19 -6.98 -22.90
N ARG B 208 -24.78 -5.77 -22.91
CA ARG B 208 -24.75 -4.90 -24.09
C ARG B 208 -23.84 -3.67 -23.88
N ILE B 209 -23.86 -3.10 -22.66
CA ILE B 209 -23.06 -1.92 -22.30
C ILE B 209 -21.94 -2.39 -21.37
N ILE B 210 -20.68 -2.28 -21.87
CA ILE B 210 -19.51 -2.74 -21.11
C ILE B 210 -18.67 -1.59 -20.62
N LEU B 211 -18.40 -1.55 -19.30
CA LEU B 211 -17.53 -0.54 -18.68
C LEU B 211 -16.18 -1.25 -18.45
N GLY B 212 -15.21 -0.91 -19.29
CA GLY B 212 -13.89 -1.52 -19.28
C GLY B 212 -12.82 -0.73 -18.54
N GLN B 213 -12.07 -1.41 -17.68
CA GLN B 213 -10.93 -0.82 -16.98
C GLN B 213 -9.72 -1.73 -17.12
N PHE B 214 -8.84 -1.41 -18.09
CA PHE B 214 -7.65 -2.22 -18.42
C PHE B 214 -6.66 -1.38 -19.19
N ASP B 215 -5.36 -1.79 -19.18
CA ASP B 215 -4.31 -1.07 -19.88
C ASP B 215 -4.37 -1.22 -21.41
N GLN B 216 -3.64 -0.37 -22.13
CA GLN B 216 -3.50 -0.30 -23.59
C GLN B 216 -3.17 -1.67 -24.24
N ASN B 217 -2.26 -2.46 -23.61
CA ASN B 217 -1.84 -3.78 -24.08
C ASN B 217 -2.99 -4.79 -24.01
N MET B 218 -3.73 -4.80 -22.89
CA MET B 218 -4.89 -5.66 -22.71
C MET B 218 -6.08 -5.24 -23.59
N ALA B 219 -6.20 -3.93 -23.88
CA ALA B 219 -7.28 -3.40 -24.72
C ALA B 219 -7.36 -4.06 -26.09
N ALA B 220 -6.19 -4.26 -26.76
CA ALA B 220 -6.11 -4.90 -28.07
C ALA B 220 -6.56 -6.38 -27.97
N LYS B 221 -6.26 -7.05 -26.85
CA LYS B 221 -6.70 -8.42 -26.56
C LYS B 221 -8.21 -8.45 -26.32
N VAL B 222 -8.76 -7.44 -25.58
CA VAL B 222 -10.19 -7.29 -25.29
C VAL B 222 -10.99 -7.19 -26.58
N PHE B 223 -10.55 -6.31 -27.50
CA PHE B 223 -11.21 -6.11 -28.79
C PHE B 223 -11.04 -7.27 -29.76
N CYS B 224 -9.97 -8.06 -29.58
CA CYS B 224 -9.74 -9.26 -30.36
C CYS B 224 -10.82 -10.30 -29.96
N CYS B 225 -10.97 -10.55 -28.65
CA CYS B 225 -11.99 -11.44 -28.08
C CYS B 225 -13.39 -10.97 -28.46
N ALA B 226 -13.62 -9.63 -28.44
CA ALA B 226 -14.90 -8.98 -28.79
C ALA B 226 -15.31 -9.31 -30.22
N TYR B 227 -14.36 -9.27 -31.16
CA TYR B 227 -14.60 -9.61 -32.56
C TYR B 227 -15.01 -11.09 -32.69
N GLU B 228 -14.27 -11.99 -32.01
CA GLU B 228 -14.50 -13.43 -32.05
C GLU B 228 -15.83 -13.82 -31.46
N GLU B 229 -16.25 -13.13 -30.39
CA GLU B 229 -17.52 -13.37 -29.71
C GLU B 229 -18.64 -12.49 -30.28
N ASN B 230 -18.38 -11.75 -31.37
CA ASN B 230 -19.33 -10.84 -32.03
C ASN B 230 -19.94 -9.76 -31.09
N MET B 231 -19.20 -9.41 -30.02
CA MET B 231 -19.59 -8.42 -29.03
C MET B 231 -19.24 -7.01 -29.51
N TYR B 232 -19.71 -6.67 -30.73
CA TYR B 232 -19.50 -5.37 -31.37
C TYR B 232 -20.63 -5.03 -32.35
N GLY B 233 -20.67 -3.76 -32.79
CA GLY B 233 -21.65 -3.23 -33.72
C GLY B 233 -22.81 -2.52 -33.06
N SER B 234 -23.92 -2.39 -33.81
CA SER B 234 -25.16 -1.71 -33.41
C SER B 234 -25.72 -2.08 -32.02
N LYS B 235 -25.54 -3.33 -31.60
CA LYS B 235 -26.07 -3.82 -30.31
C LYS B 235 -25.15 -3.58 -29.10
N TYR B 236 -23.88 -3.17 -29.33
CA TYR B 236 -22.93 -3.01 -28.23
C TYR B 236 -22.31 -1.62 -28.04
N GLN B 237 -22.01 -1.29 -26.78
CA GLN B 237 -21.31 -0.06 -26.39
C GLN B 237 -20.23 -0.33 -25.36
N TRP B 238 -18.99 -0.15 -25.81
CA TRP B 238 -17.81 -0.29 -24.96
C TRP B 238 -17.44 1.09 -24.46
N ILE B 239 -17.30 1.23 -23.12
CA ILE B 239 -16.90 2.45 -22.46
C ILE B 239 -15.60 2.11 -21.74
N ILE B 240 -14.48 2.62 -22.26
CA ILE B 240 -13.13 2.23 -21.80
C ILE B 240 -12.20 3.43 -21.46
N PRO B 241 -10.97 3.23 -20.93
CA PRO B 241 -10.08 4.38 -20.69
C PRO B 241 -9.77 5.20 -21.95
N GLY B 242 -9.67 6.52 -21.79
CA GLY B 242 -9.40 7.44 -22.89
C GLY B 242 -7.97 7.97 -22.92
N TRP B 243 -7.11 7.44 -22.05
CA TRP B 243 -5.73 7.88 -21.89
C TRP B 243 -4.65 7.11 -22.70
N TYR B 244 -5.05 6.18 -23.57
CA TYR B 244 -4.11 5.37 -24.37
C TYR B 244 -3.36 6.24 -25.41
N GLU B 245 -2.14 5.79 -25.84
CA GLU B 245 -1.33 6.47 -26.86
C GLU B 245 -2.11 6.51 -28.18
N PRO B 246 -2.01 7.54 -29.04
CA PRO B 246 -2.70 7.47 -30.35
C PRO B 246 -2.02 6.39 -31.20
N SER B 247 -2.82 5.65 -32.01
CA SER B 247 -2.38 4.51 -32.85
C SER B 247 -1.85 3.34 -31.98
N TRP B 248 -2.43 3.20 -30.77
CA TRP B 248 -2.09 2.17 -29.77
C TRP B 248 -2.32 0.73 -30.23
N TRP B 249 -3.32 0.55 -31.12
CA TRP B 249 -3.75 -0.73 -31.67
C TRP B 249 -2.78 -1.27 -32.74
N GLU B 250 -2.10 -0.34 -33.46
CA GLU B 250 -1.12 -0.63 -34.51
C GLU B 250 0.16 -1.28 -33.96
N GLN B 251 0.68 -0.73 -32.84
CA GLN B 251 1.89 -1.12 -32.10
C GLN B 251 2.11 -2.64 -31.99
N SER B 259 -2.88 -11.86 -30.83
CA SER B 259 -2.05 -12.39 -31.90
C SER B 259 -2.92 -13.08 -32.97
N ARG B 260 -4.03 -13.72 -32.54
CA ARG B 260 -4.95 -14.45 -33.41
C ARG B 260 -5.77 -13.57 -34.36
N CYS B 261 -6.18 -12.38 -33.91
CA CYS B 261 -7.00 -11.47 -34.72
C CYS B 261 -6.20 -10.72 -35.77
N LEU B 262 -6.91 -10.24 -36.78
CA LEU B 262 -6.37 -9.38 -37.83
C LEU B 262 -6.58 -7.90 -37.41
N ARG B 263 -5.81 -6.97 -38.01
CA ARG B 263 -5.91 -5.55 -37.74
C ARG B 263 -7.29 -5.02 -38.16
N LYS B 264 -7.80 -5.43 -39.34
CA LYS B 264 -9.12 -5.02 -39.85
C LYS B 264 -10.28 -5.51 -38.94
N ASN B 265 -10.08 -6.68 -38.30
CA ASN B 265 -11.03 -7.32 -37.40
C ASN B 265 -11.02 -6.66 -36.03
N LEU B 266 -9.88 -6.09 -35.65
CA LEU B 266 -9.70 -5.36 -34.39
C LEU B 266 -10.41 -4.01 -34.49
N LEU B 267 -10.17 -3.29 -35.60
CA LEU B 267 -10.79 -2.00 -35.92
C LEU B 267 -12.30 -2.10 -36.03
N ALA B 268 -12.81 -3.23 -36.56
CA ALA B 268 -14.24 -3.54 -36.69
C ALA B 268 -14.89 -3.69 -35.30
N ALA B 269 -14.21 -4.40 -34.37
CA ALA B 269 -14.68 -4.55 -32.99
C ALA B 269 -14.51 -3.24 -32.17
N MET B 270 -13.43 -2.47 -32.42
CA MET B 270 -13.11 -1.18 -31.77
C MET B 270 -14.09 -0.07 -32.18
N GLU B 271 -14.64 -0.16 -33.41
CA GLU B 271 -15.56 0.85 -33.96
C GLU B 271 -16.68 1.28 -33.00
N GLY B 272 -16.67 2.57 -32.65
CA GLY B 272 -17.68 3.18 -31.79
C GLY B 272 -17.40 3.18 -30.30
N TYR B 273 -16.26 2.62 -29.84
CA TYR B 273 -15.96 2.62 -28.41
C TYR B 273 -15.88 4.04 -27.84
N ILE B 274 -16.33 4.20 -26.59
CA ILE B 274 -16.27 5.49 -25.92
C ILE B 274 -15.08 5.48 -24.96
N GLY B 275 -14.21 6.45 -25.12
CA GLY B 275 -13.04 6.66 -24.26
C GLY B 275 -13.35 7.73 -23.23
N VAL B 276 -12.87 7.54 -21.99
CA VAL B 276 -13.12 8.50 -20.92
C VAL B 276 -11.81 8.85 -20.23
N ASP B 277 -11.53 10.17 -20.05
CA ASP B 277 -10.30 10.66 -19.40
C ASP B 277 -10.50 12.12 -19.00
N PHE B 278 -9.60 12.70 -18.16
CA PHE B 278 -9.68 14.13 -17.82
C PHE B 278 -9.42 14.99 -19.09
N GLU B 279 -9.98 16.20 -19.13
CA GLU B 279 -9.82 17.10 -20.26
C GLU B 279 -8.51 17.88 -20.01
N PRO B 280 -7.48 17.77 -20.89
CA PRO B 280 -6.21 18.51 -20.65
C PRO B 280 -6.32 20.04 -20.54
N LEU B 281 -7.15 20.68 -21.40
CA LEU B 281 -7.38 22.14 -21.38
C LEU B 281 -8.83 22.46 -21.65
N SER B 282 -9.31 23.60 -21.12
CA SER B 282 -10.67 24.09 -21.32
C SER B 282 -10.90 24.43 -22.81
N SER B 283 -12.07 24.06 -23.34
CA SER B 283 -12.46 24.32 -24.73
C SER B 283 -13.13 25.69 -24.84
N LYS B 284 -13.47 26.32 -23.69
CA LYS B 284 -14.11 27.64 -23.59
C LYS B 284 -13.14 28.75 -23.95
N GLN B 285 -13.48 29.55 -24.98
CA GLN B 285 -12.67 30.69 -25.43
C GLN B 285 -12.90 31.93 -24.51
N ILE B 286 -12.82 31.70 -23.18
CA ILE B 286 -13.01 32.70 -22.13
C ILE B 286 -11.67 32.99 -21.45
N LYS B 287 -11.42 34.28 -21.14
CA LYS B 287 -10.20 34.75 -20.46
C LYS B 287 -10.07 34.12 -19.08
N THR B 288 -8.87 33.59 -18.77
CA THR B 288 -8.59 32.95 -17.47
C THR B 288 -8.00 33.98 -16.48
N ILE B 289 -7.64 33.54 -15.26
CA ILE B 289 -7.02 34.38 -14.21
C ILE B 289 -5.79 35.19 -14.70
N SER B 290 -5.08 34.67 -15.69
CA SER B 290 -3.90 35.30 -16.27
C SER B 290 -4.23 36.33 -17.37
N GLY B 291 -5.49 36.42 -17.79
CA GLY B 291 -5.92 37.33 -18.85
C GLY B 291 -5.89 36.70 -20.23
N LYS B 292 -5.40 35.45 -20.31
CA LYS B 292 -5.32 34.71 -21.57
C LYS B 292 -6.41 33.67 -21.59
N THR B 293 -6.91 33.33 -22.79
CA THR B 293 -7.88 32.26 -22.99
C THR B 293 -7.03 30.93 -22.97
N PRO B 294 -7.63 29.74 -22.77
CA PRO B 294 -6.82 28.48 -22.82
C PRO B 294 -6.02 28.27 -24.12
N GLN B 295 -6.57 28.74 -25.26
CA GLN B 295 -6.01 28.67 -26.62
C GLN B 295 -4.74 29.53 -26.72
N GLN B 296 -4.80 30.74 -26.16
CA GLN B 296 -3.67 31.68 -26.11
C GLN B 296 -2.55 31.12 -25.23
N TYR B 297 -2.92 30.53 -24.06
CA TYR B 297 -1.92 29.90 -23.19
C TYR B 297 -1.26 28.70 -23.90
N GLU B 298 -2.06 27.91 -24.62
CA GLU B 298 -1.54 26.73 -25.31
C GLU B 298 -0.46 27.12 -26.36
N ARG B 299 -0.66 28.25 -27.11
CA ARG B 299 0.27 28.76 -28.11
C ARG B 299 1.54 29.19 -27.41
N GLU B 300 1.39 29.95 -26.31
CA GLU B 300 2.49 30.42 -25.48
C GLU B 300 3.32 29.23 -24.94
N TYR B 301 2.63 28.15 -24.48
CA TYR B 301 3.26 26.93 -23.98
C TYR B 301 4.03 26.20 -25.10
N ASN B 302 3.42 26.06 -26.28
CA ASN B 302 4.06 25.40 -27.43
C ASN B 302 5.31 26.12 -27.97
N ASN B 303 5.32 27.48 -27.90
CA ASN B 303 6.47 28.30 -28.30
C ASN B 303 7.61 28.11 -27.31
N LYS B 304 7.29 28.22 -25.98
CA LYS B 304 8.21 28.11 -24.85
C LYS B 304 8.84 26.73 -24.67
N ARG B 305 8.07 25.66 -24.89
CA ARG B 305 8.56 24.29 -24.71
C ARG B 305 9.74 23.91 -25.62
N SER B 306 9.82 24.56 -26.82
CA SER B 306 10.87 24.35 -27.81
C SER B 306 10.97 22.85 -28.20
N GLY B 307 12.15 22.25 -28.05
CA GLY B 307 12.33 20.83 -28.34
C GLY B 307 11.74 19.89 -27.31
N VAL B 308 11.46 20.36 -26.07
CA VAL B 308 10.87 19.48 -25.05
C VAL B 308 9.46 19.00 -25.44
N GLY B 309 9.30 17.68 -25.47
CA GLY B 309 8.05 17.02 -25.81
C GLY B 309 6.89 17.49 -24.94
N PRO B 310 5.69 17.70 -25.51
CA PRO B 310 4.57 18.18 -24.67
C PRO B 310 4.05 17.14 -23.68
N SER B 311 3.49 17.59 -22.56
CA SER B 311 2.87 16.75 -21.53
C SER B 311 1.43 17.18 -21.35
N LYS B 312 0.48 16.22 -21.29
CA LYS B 312 -0.95 16.49 -21.06
C LYS B 312 -1.28 17.13 -19.69
N PHE B 313 -0.33 17.10 -18.75
CA PHE B 313 -0.45 17.70 -17.42
C PHE B 313 0.00 19.15 -17.37
N HIS B 314 0.48 19.70 -18.51
CA HIS B 314 1.02 21.08 -18.55
C HIS B 314 0.07 22.17 -18.02
N GLY B 315 -1.20 22.11 -18.41
CA GLY B 315 -2.23 23.04 -17.97
C GLY B 315 -2.51 22.95 -16.50
N TYR B 316 -2.45 21.72 -15.96
CA TYR B 316 -2.63 21.39 -14.54
C TYR B 316 -1.49 21.91 -13.71
N ALA B 317 -0.26 21.93 -14.30
CA ALA B 317 0.94 22.45 -13.64
C ALA B 317 0.87 23.98 -13.64
N TYR B 318 0.43 24.59 -14.78
CA TYR B 318 0.25 26.03 -14.96
C TYR B 318 -0.76 26.57 -13.97
N ASP B 319 -1.95 25.94 -13.89
CA ASP B 319 -3.00 26.32 -12.94
C ASP B 319 -2.55 26.10 -11.50
N GLY B 320 -1.73 25.05 -11.30
CA GLY B 320 -1.10 24.73 -10.02
C GLY B 320 -0.34 25.90 -9.42
N ILE B 321 0.54 26.55 -10.23
CA ILE B 321 1.32 27.73 -9.81
C ILE B 321 0.39 28.88 -9.39
N TRP B 322 -0.68 29.13 -10.18
CA TRP B 322 -1.71 30.13 -9.87
C TRP B 322 -2.46 29.81 -8.56
N VAL B 323 -2.72 28.53 -8.29
CA VAL B 323 -3.34 28.06 -7.04
C VAL B 323 -2.43 28.44 -5.86
N ILE B 324 -1.12 28.20 -5.99
CA ILE B 324 -0.12 28.51 -4.95
C ILE B 324 -0.03 30.04 -4.71
N ALA B 325 0.07 30.84 -5.80
CA ALA B 325 0.16 32.31 -5.76
C ALA B 325 -1.08 32.91 -5.08
N LYS B 326 -2.28 32.45 -5.46
CA LYS B 326 -3.55 32.91 -4.88
C LYS B 326 -3.66 32.49 -3.42
N THR B 327 -3.16 31.28 -3.09
CA THR B 327 -3.15 30.74 -1.72
C THR B 327 -2.23 31.59 -0.87
N LEU B 328 -1.01 31.88 -1.36
CA LEU B 328 -0.04 32.72 -0.62
C LEU B 328 -0.57 34.14 -0.36
N GLN B 329 -1.34 34.68 -1.31
CA GLN B 329 -1.99 35.99 -1.25
C GLN B 329 -2.97 36.03 -0.10
N ARG B 330 -3.91 35.05 -0.05
CA ARG B 330 -4.92 34.87 1.00
C ARG B 330 -4.25 34.71 2.37
N ALA B 331 -3.17 33.91 2.45
CA ALA B 331 -2.42 33.67 3.68
C ALA B 331 -1.78 34.98 4.19
N MET B 332 -1.21 35.80 3.28
CA MET B 332 -0.61 37.10 3.55
C MET B 332 -1.64 38.09 4.12
N GLU B 333 -2.89 38.03 3.62
CA GLU B 333 -4.03 38.84 4.09
C GLU B 333 -4.43 38.41 5.50
N THR B 334 -4.47 37.08 5.76
CA THR B 334 -4.86 36.47 7.05
C THR B 334 -3.89 36.90 8.15
N LEU B 335 -2.58 36.96 7.80
CA LEU B 335 -1.54 37.38 8.73
C LEU B 335 -1.63 38.87 8.97
N HIS B 336 -1.94 39.66 7.91
CA HIS B 336 -2.11 41.11 8.00
C HIS B 336 -3.40 41.51 8.71
N ALA B 337 -4.46 40.64 8.66
CA ALA B 337 -5.75 40.82 9.36
C ALA B 337 -5.52 40.89 10.89
N SER B 338 -4.40 40.29 11.35
CA SER B 338 -3.96 40.30 12.74
C SER B 338 -2.84 41.36 12.88
N ILE B 344 5.61 36.13 7.61
CA ILE B 344 5.63 34.85 6.90
C ILE B 344 7.03 34.26 6.84
N GLN B 345 8.05 35.15 6.83
CA GLN B 345 9.47 34.82 6.71
C GLN B 345 9.99 33.74 7.67
N ASP B 346 9.67 33.84 8.97
CA ASP B 346 10.10 32.79 9.91
C ASP B 346 9.12 31.61 9.95
N PHE B 347 8.89 31.00 8.79
CA PHE B 347 8.05 29.81 8.81
C PHE B 347 9.02 28.67 8.90
N ASN B 348 9.35 28.16 10.06
CA ASN B 348 10.17 26.95 9.98
C ASN B 348 9.10 25.87 9.74
N TYR B 349 9.45 24.61 9.76
CA TYR B 349 8.41 23.59 9.54
C TYR B 349 7.64 23.28 10.83
N THR B 350 7.94 24.05 11.90
CA THR B 350 7.40 23.99 13.25
C THR B 350 6.10 24.82 13.42
N ASP B 351 5.90 25.86 12.57
CA ASP B 351 4.70 26.69 12.66
C ASP B 351 3.45 25.95 12.18
N HIS B 352 2.72 25.36 13.14
CA HIS B 352 1.46 24.66 12.88
C HIS B 352 0.40 25.63 12.38
N THR B 353 0.33 26.84 12.98
CA THR B 353 -0.65 27.87 12.66
C THR B 353 -0.61 28.35 11.21
N LEU B 354 0.59 28.68 10.69
CA LEU B 354 0.79 29.09 9.31
C LEU B 354 0.39 27.99 8.31
N GLY B 355 0.75 26.74 8.63
CA GLY B 355 0.39 25.57 7.83
C GLY B 355 -1.12 25.43 7.74
N ARG B 356 -1.83 25.67 8.86
CA ARG B 356 -3.30 25.64 8.92
C ARG B 356 -3.90 26.82 8.10
N ILE B 357 -3.24 28.01 8.15
CA ILE B 357 -3.64 29.21 7.40
C ILE B 357 -3.56 28.91 5.89
N ILE B 358 -2.40 28.39 5.42
CA ILE B 358 -2.14 27.97 4.04
C ILE B 358 -3.17 26.90 3.63
N LEU B 359 -3.44 25.93 4.53
CA LEU B 359 -4.40 24.84 4.30
C LEU B 359 -5.84 25.39 4.09
N ASN B 360 -6.27 26.35 4.94
CA ASN B 360 -7.60 26.95 4.84
C ASN B 360 -7.68 27.87 3.61
N ALA B 361 -6.59 28.57 3.28
CA ALA B 361 -6.52 29.44 2.11
C ALA B 361 -6.65 28.63 0.79
N MET B 362 -5.99 27.44 0.72
CA MET B 362 -6.06 26.58 -0.46
C MET B 362 -7.45 25.96 -0.65
N ASN B 363 -8.18 25.75 0.45
CA ASN B 363 -9.54 25.23 0.44
C ASN B 363 -10.55 26.26 -0.17
N GLU B 364 -10.17 27.56 -0.21
CA GLU B 364 -10.96 28.67 -0.75
C GLU B 364 -10.79 28.84 -2.26
N THR B 365 -9.80 28.16 -2.88
CA THR B 365 -9.49 28.25 -4.32
C THR B 365 -10.73 28.16 -5.20
N ASN B 366 -10.96 29.20 -6.02
CA ASN B 366 -12.10 29.31 -6.92
C ASN B 366 -11.85 30.37 -7.98
N PHE B 367 -11.22 29.96 -9.09
CA PHE B 367 -10.94 30.84 -10.22
C PHE B 367 -11.00 30.02 -11.51
N PHE B 368 -11.13 30.71 -12.66
CA PHE B 368 -11.17 30.07 -13.98
C PHE B 368 -9.75 30.03 -14.50
N GLY B 369 -9.29 28.81 -14.72
CA GLY B 369 -7.94 28.52 -15.19
C GLY B 369 -7.98 27.92 -16.57
N VAL B 370 -6.78 27.57 -17.08
CA VAL B 370 -6.62 26.98 -18.41
C VAL B 370 -7.27 25.58 -18.53
N THR B 371 -7.48 24.89 -17.39
CA THR B 371 -8.11 23.56 -17.32
C THR B 371 -9.57 23.68 -16.92
N GLY B 372 -10.07 24.90 -16.97
CA GLY B 372 -11.42 25.26 -16.59
C GLY B 372 -11.42 25.84 -15.19
N GLN B 373 -12.57 25.75 -14.53
CA GLN B 373 -12.74 26.28 -13.18
C GLN B 373 -11.93 25.44 -12.18
N VAL B 374 -10.98 26.09 -11.48
CA VAL B 374 -10.13 25.42 -10.48
C VAL B 374 -10.75 25.54 -9.08
N VAL B 375 -11.38 24.45 -8.61
CA VAL B 375 -12.06 24.34 -7.31
C VAL B 375 -11.76 22.94 -6.74
N PHE B 376 -11.62 22.86 -5.40
CA PHE B 376 -11.37 21.61 -4.69
C PHE B 376 -12.54 21.21 -3.81
N ARG B 377 -12.80 19.92 -3.73
CA ARG B 377 -13.79 19.32 -2.84
C ARG B 377 -13.01 18.28 -2.01
N ASN B 378 -12.60 18.69 -0.79
CA ASN B 378 -11.80 17.84 0.12
C ASN B 378 -10.45 17.40 -0.52
N GLY B 379 -9.72 18.39 -1.04
CA GLY B 379 -8.41 18.21 -1.66
C GLY B 379 -8.43 17.71 -3.09
N GLU B 380 -9.58 17.23 -3.54
CA GLU B 380 -9.82 16.65 -4.86
C GLU B 380 -10.29 17.71 -5.81
N ARG B 381 -9.80 17.64 -7.05
CA ARG B 381 -10.23 18.55 -8.10
C ARG B 381 -11.62 18.22 -8.66
N MET B 382 -12.46 19.24 -8.76
CA MET B 382 -13.73 19.20 -9.46
C MET B 382 -13.34 19.80 -10.83
N GLY B 383 -13.23 18.95 -11.83
CA GLY B 383 -12.79 19.35 -13.15
C GLY B 383 -13.68 18.93 -14.28
N THR B 384 -13.07 18.74 -15.43
CA THR B 384 -13.72 18.36 -16.67
C THR B 384 -13.23 17.02 -17.13
N ILE B 385 -14.18 16.19 -17.57
CA ILE B 385 -13.95 14.88 -18.10
C ILE B 385 -14.29 14.88 -19.59
N LYS B 386 -13.33 14.44 -20.40
CA LYS B 386 -13.46 14.32 -21.85
C LYS B 386 -14.03 12.95 -22.24
N PHE B 387 -14.94 12.95 -23.22
CA PHE B 387 -15.51 11.74 -23.81
C PHE B 387 -15.08 11.71 -25.24
N THR B 388 -14.56 10.57 -25.67
CA THR B 388 -14.12 10.38 -27.04
C THR B 388 -14.84 9.19 -27.65
N GLN B 389 -14.82 9.09 -28.97
CA GLN B 389 -15.34 7.93 -29.67
C GLN B 389 -14.38 7.56 -30.79
N PHE B 390 -14.09 6.24 -30.91
CA PHE B 390 -13.24 5.72 -31.95
C PHE B 390 -14.04 5.71 -33.23
N GLN B 391 -13.61 6.51 -34.21
CA GLN B 391 -14.32 6.63 -35.48
C GLN B 391 -13.37 6.40 -36.66
N ASP B 392 -13.47 5.18 -37.25
CA ASP B 392 -12.70 4.67 -38.39
C ASP B 392 -11.20 4.50 -38.15
N SER B 393 -10.49 5.59 -37.84
CA SER B 393 -9.04 5.58 -37.69
C SER B 393 -8.53 6.17 -36.40
N ARG B 394 -9.36 6.91 -35.67
CA ARG B 394 -8.92 7.55 -34.43
C ARG B 394 -10.05 7.95 -33.47
N GLU B 395 -9.65 8.35 -32.24
CA GLU B 395 -10.52 8.85 -31.19
C GLU B 395 -10.85 10.30 -31.51
N VAL B 396 -12.14 10.62 -31.52
CA VAL B 396 -12.71 11.94 -31.80
C VAL B 396 -13.49 12.39 -30.55
N LYS B 397 -13.34 13.68 -30.16
CA LYS B 397 -14.07 14.22 -29.03
C LYS B 397 -15.58 14.27 -29.33
N VAL B 398 -16.41 13.69 -28.41
CA VAL B 398 -17.88 13.61 -28.53
C VAL B 398 -18.62 14.31 -27.37
N GLY B 399 -17.88 14.70 -26.35
CA GLY B 399 -18.49 15.34 -25.19
C GLY B 399 -17.59 15.65 -24.03
N GLU B 400 -18.18 16.36 -23.05
CA GLU B 400 -17.50 16.73 -21.81
C GLU B 400 -18.44 16.75 -20.63
N TYR B 401 -17.91 16.35 -19.47
CA TYR B 401 -18.64 16.34 -18.22
C TYR B 401 -18.01 17.36 -17.28
N ASN B 402 -18.86 18.25 -16.74
CA ASN B 402 -18.48 19.29 -15.80
C ASN B 402 -18.80 18.73 -14.42
N ALA B 403 -17.76 18.43 -13.62
CA ALA B 403 -17.90 17.87 -12.28
C ALA B 403 -18.51 18.84 -11.26
N VAL B 404 -18.29 20.17 -11.39
CA VAL B 404 -18.82 21.22 -10.49
C VAL B 404 -20.36 21.23 -10.55
N ALA B 405 -20.89 21.42 -11.76
CA ALA B 405 -22.31 21.46 -12.09
C ALA B 405 -22.93 20.08 -12.18
N ASP B 406 -22.08 19.00 -12.26
CA ASP B 406 -22.49 17.62 -12.49
C ASP B 406 -23.33 17.56 -13.77
N THR B 407 -22.84 18.20 -14.85
CA THR B 407 -23.56 18.25 -16.14
C THR B 407 -22.78 17.61 -17.30
N LEU B 408 -23.53 17.03 -18.24
CA LEU B 408 -22.99 16.43 -19.43
C LEU B 408 -23.44 17.18 -20.67
N GLU B 409 -22.48 17.49 -21.55
CA GLU B 409 -22.70 18.13 -22.83
C GLU B 409 -22.17 17.20 -23.92
N ILE B 410 -23.08 16.68 -24.74
CA ILE B 410 -22.72 15.82 -25.85
C ILE B 410 -22.74 16.63 -27.14
N ILE B 411 -21.59 16.68 -27.83
CA ILE B 411 -21.41 17.40 -29.10
C ILE B 411 -22.31 16.80 -30.19
N ASN B 412 -23.22 17.65 -30.71
CA ASN B 412 -24.18 17.32 -31.78
C ASN B 412 -23.43 17.06 -33.08
N ASP B 413 -23.85 16.01 -33.82
CA ASP B 413 -23.26 15.59 -35.10
C ASP B 413 -21.79 15.10 -35.02
N THR B 414 -21.42 14.44 -33.90
CA THR B 414 -20.10 13.83 -33.72
C THR B 414 -20.29 12.38 -33.32
N ILE B 415 -20.92 12.13 -32.14
CA ILE B 415 -21.21 10.79 -31.64
C ILE B 415 -22.16 10.05 -32.60
N ARG B 416 -21.86 8.77 -32.87
CA ARG B 416 -22.64 7.97 -33.81
C ARG B 416 -22.78 6.52 -33.37
N PHE B 417 -23.88 5.91 -33.82
CA PHE B 417 -24.23 4.53 -33.56
C PHE B 417 -24.49 3.84 -34.89
N GLN B 418 -24.07 2.57 -35.01
CA GLN B 418 -24.23 1.74 -36.22
C GLN B 418 -25.71 1.48 -36.60
N GLY B 419 -26.59 1.44 -35.58
CA GLY B 419 -28.02 1.28 -35.75
C GLY B 419 -28.75 2.60 -35.83
N SER B 420 -30.08 2.55 -36.10
CA SER B 420 -30.98 3.72 -36.21
C SER B 420 -31.13 4.45 -34.85
N GLU B 421 -30.85 3.72 -33.76
CA GLU B 421 -30.93 4.20 -32.39
C GLU B 421 -29.65 3.77 -31.63
N PRO B 422 -29.30 4.42 -30.49
CA PRO B 422 -28.19 3.91 -29.67
C PRO B 422 -28.57 2.51 -29.14
N PRO B 423 -27.61 1.61 -28.84
CA PRO B 423 -28.00 0.26 -28.37
C PRO B 423 -28.86 0.26 -27.12
N LYS B 424 -29.66 -0.81 -26.96
CA LYS B 424 -30.50 -1.06 -25.78
C LYS B 424 -29.64 -1.85 -24.80
N ASP B 425 -29.93 -1.75 -23.51
CA ASP B 425 -29.11 -2.41 -22.47
C ASP B 425 -29.37 -3.93 -22.24
N ASP B 426 -30.37 -4.53 -22.95
CA ASP B 426 -30.70 -5.95 -22.78
C ASP B 426 -31.19 -6.63 -24.06
C1 NAG C . 24.92 -18.52 34.80
C2 NAG C . 26.26 -18.18 35.46
C3 NAG C . 26.59 -19.19 36.55
C4 NAG C . 25.50 -19.07 37.65
C5 NAG C . 24.05 -19.09 37.09
C6 NAG C . 23.32 -17.88 37.59
C7 NAG C . 28.10 -17.07 34.13
C8 NAG C . 27.92 -15.81 34.95
N2 NAG C . 27.30 -18.15 34.42
O3 NAG C . 27.90 -18.83 37.03
O4 NAG C . 25.67 -20.12 38.59
O5 NAG C . 23.85 -18.93 35.66
O6 NAG C . 22.70 -18.18 38.84
O7 NAG C . 28.93 -17.14 33.24
C1 NAG C . 26.30 -19.66 39.80
C2 NAG C . 26.10 -20.73 40.89
C3 NAG C . 26.86 -20.28 42.14
C4 NAG C . 28.36 -20.32 41.71
C5 NAG C . 28.60 -19.31 40.61
C6 NAG C . 30.00 -19.59 40.07
C7 NAG C . 24.00 -21.86 40.30
C8 NAG C . 22.58 -22.00 40.74
N2 NAG C . 24.71 -21.03 41.12
O3 NAG C . 26.50 -21.22 43.17
O4 NAG C . 29.36 -20.03 42.69
O5 NAG C . 27.70 -19.55 39.52
O6 NAG C . 30.60 -18.33 39.81
O7 NAG C . 24.47 -22.40 39.29
C1 MAN C . 28.91 -20.00 44.03
C2 MAN C . 29.83 -19.20 44.94
C3 MAN C . 31.18 -19.91 44.87
C4 MAN C . 31.01 -21.33 45.47
C5 MAN C . 29.96 -22.10 44.64
C6 MAN C . 29.65 -23.31 45.46
O2 MAN C . 29.25 -19.26 46.29
O3 MAN C . 32.11 -19.12 45.59
O4 MAN C . 32.24 -22.04 45.61
O5 MAN C . 28.71 -21.38 44.45
O6 MAN C . 28.72 -22.92 46.49
C1 BMA C . 33.26 -18.75 44.80
C2 BMA C . 33.25 -17.25 44.30
C3 BMA C . 33.69 -16.22 45.38
C4 BMA C . 34.07 -16.90 46.73
C5 BMA C . 35.02 -18.10 46.44
C6 BMA C . 35.42 -18.73 47.79
O2 BMA C . 32.02 -16.84 43.61
O3 BMA C . 32.66 -15.23 45.65
O4 BMA C . 34.70 -15.93 47.59
O5 BMA C . 34.47 -19.10 45.54
O6 BMA C . 36.48 -17.93 48.34
C1 NAG D . -13.50 24.43 2.89
C2 NAG D . -14.10 24.94 4.23
C3 NAG D . -15.56 24.51 4.30
C4 NAG D . -16.32 24.79 2.95
C5 NAG D . -15.56 24.35 1.67
C6 NAG D . -16.29 24.76 0.34
C7 NAG D . -12.46 25.07 6.12
C8 NAG D . -12.10 26.49 5.76
N2 NAG D . -13.40 24.39 5.38
O3 NAG D . -16.12 25.24 5.40
O4 NAG D . -17.56 24.10 3.01
O5 NAG D . -14.23 24.94 1.75
O6 NAG D . -16.19 26.19 0.16
O7 NAG D . -11.92 24.53 7.07
C1 NAG D . -18.61 25.08 2.89
C2 NAG D . -19.87 24.33 2.47
C3 NAG D . -21.07 25.30 2.36
C4 NAG D . -21.13 26.45 3.39
C5 NAG D . -19.75 26.88 3.95
C6 NAG D . -19.95 27.55 5.32
C7 NAG D . -19.75 22.31 1.05
C8 NAG D . -19.52 21.88 -0.37
N2 NAG D . -19.68 23.68 1.19
O3 NAG D . -22.30 24.54 2.40
O4 NAG D . -21.64 27.54 2.61
O5 NAG D . -18.83 25.79 4.13
O6 NAG D . -18.96 28.58 5.51
O7 NAG D . -19.99 21.53 1.99
C1 FUC D . -16.69 26.93 -1.00
C2 FUC D . -16.83 28.47 -0.67
C3 FUC D . -15.51 29.28 -0.91
C4 FUC D . -14.94 29.01 -2.31
C5 FUC D . -14.76 27.48 -2.49
C6 FUC D . -14.28 27.10 -3.89
O2 FUC D . -17.34 28.72 0.65
O3 FUC D . -15.72 30.70 -0.67
O4 FUC D . -15.80 29.62 -3.30
O5 FUC D . -16.00 26.75 -2.25
O1 381 E . 3.38 -4.73 11.84
P 381 E . 3.01 -6.13 12.16
C3 381 E . 3.32 -6.40 13.94
C2 381 E . 3.18 -7.88 14.34
C1 381 E . 3.78 -8.14 15.72
N 381 E . 3.62 -9.55 16.09
O2 381 E . 3.89 -7.12 11.26
C4 381 E . 1.25 -6.44 11.76
C5 381 E . 0.24 -5.77 12.71
C10 381 E . 0.14 -4.24 12.55
C9 381 E . -1.29 -3.68 12.48
C8 381 E . -2.33 -4.37 13.38
C7 381 E . -2.22 -5.90 13.44
C6 381 E . -1.13 -6.45 12.52
C1 NAG F . 34.00 -11.27 20.27
C2 NAG F . 33.76 -12.69 20.68
C3 NAG F . 35.09 -13.16 21.30
C4 NAG F . 36.29 -13.05 20.33
C5 NAG F . 36.38 -11.58 19.80
C6 NAG F . 37.49 -11.33 18.75
C7 NAG F . 31.68 -13.69 21.48
C8 NAG F . 30.72 -13.69 22.64
N2 NAG F . 32.70 -12.82 21.67
O3 NAG F . 34.94 -14.49 21.81
O4 NAG F . 37.51 -13.43 21.03
O5 NAG F . 35.08 -11.21 19.27
O6 NAG F . 37.89 -12.54 18.10
O7 NAG F . 31.54 -14.39 20.48
#